data_6IJD
#
_entry.id   6IJD
#
_cell.length_a   81.100
_cell.length_b   81.100
_cell.length_c   341.460
_cell.angle_alpha   90.000
_cell.angle_beta   90.000
_cell.angle_gamma   90.000
#
_symmetry.space_group_name_H-M   'I 41'
#
loop_
_entity.id
_entity.type
_entity.pdbx_description
1 polymer 'UDP-glycosyltransferase 89C1'
2 non-polymer "3,5,7,3',4'-PENTAHYDROXYFLAVONE"
3 water water
#
_entity_poly.entity_id   1
_entity_poly.type   'polypeptide(L)'
_entity_poly.pdbx_seq_one_letter_code
;MTTTTTKKPHVLVIPFPQSGHMVPHLDLTHQILLRGATVTVLVTPKNSSYLDALRSLHSPEHFKTLILPFPSHPCIPSGV
ESLQQLPLEAIVHMFDALSRLHDPLVDFLSRQPPSDLPDAILGSSFLSPWINKVADAFSIKSISFLPINAHSISVMWAQE
DRSFFNDLETATTESYGLVINSFYDLEPEFVETVKTRFLNHHRIWTVGPLLPFKAGVDRGGQSSIPPAKVSAWLDSCPED
NSVVYVGFGSQIRLTAEQTAALAAALEKSSVRFIWAVRDAAKKVNSSDNSVEEDVIPAGFEERVKEKGLVIRGWAPQTMI
LEHRAVGSYLTHLGWGSVLEGMVGGVMLLAWPMQADHFFNTTLIVDKLRAAVRVGENRDSVPDSDKLARILAESAREDLP
ERVTLMKLREKAMEAIKEGGSSYKNLDELVAEMCL
;
_entity_poly.pdbx_strand_id   A,B
#
loop_
_chem_comp.id
_chem_comp.type
_chem_comp.name
_chem_comp.formula
QUE non-polymer 3,5,7,3',4'-PENTAHYDROXYFLAVONE 'C15 H10 O7'
#
# COMPACT_ATOMS: atom_id res chain seq x y z
N LYS A 7 -0.31 -3.90 -36.62
CA LYS A 7 -1.56 -4.65 -36.68
C LYS A 7 -2.22 -4.78 -35.30
N LYS A 8 -1.47 -4.45 -34.23
CA LYS A 8 -1.98 -4.65 -32.88
C LYS A 8 -2.05 -3.33 -32.13
N PRO A 9 -3.03 -3.18 -31.24
CA PRO A 9 -3.33 -1.86 -30.67
C PRO A 9 -2.49 -1.61 -29.41
N HIS A 10 -2.60 -0.38 -28.93
CA HIS A 10 -2.11 -0.01 -27.61
C HIS A 10 -3.31 0.45 -26.80
N VAL A 11 -3.58 -0.24 -25.68
CA VAL A 11 -4.77 -0.03 -24.87
C VAL A 11 -4.34 0.47 -23.51
N LEU A 12 -5.10 1.42 -22.97
CA LEU A 12 -4.85 1.97 -21.64
C LEU A 12 -6.00 1.54 -20.75
N VAL A 13 -5.76 0.66 -19.81
CA VAL A 13 -6.90 0.17 -19.05
C VAL A 13 -6.91 0.89 -17.70
N ILE A 14 -8.13 1.06 -17.19
CA ILE A 14 -8.42 1.85 -16.00
C ILE A 14 -9.47 1.02 -15.24
N PRO A 15 -9.04 0.01 -14.48
CA PRO A 15 -9.99 -0.79 -13.69
C PRO A 15 -10.58 -0.01 -12.52
N PHE A 16 -11.79 -0.36 -12.16
CA PHE A 16 -12.41 0.22 -10.97
C PHE A 16 -11.97 -0.55 -9.73
N PRO A 17 -11.45 0.12 -8.68
CA PRO A 17 -10.79 -0.58 -7.56
C PRO A 17 -11.76 -1.31 -6.63
N GLN A 18 -12.37 -2.37 -7.14
CA GLN A 18 -13.09 -3.31 -6.29
C GLN A 18 -13.03 -4.68 -6.93
N SER A 19 -13.08 -5.72 -6.10
CA SER A 19 -12.93 -7.09 -6.58
C SER A 19 -13.78 -7.32 -7.82
N GLY A 20 -15.11 -7.14 -7.67
CA GLY A 20 -16.06 -7.50 -8.71
C GLY A 20 -15.73 -6.88 -10.06
N HIS A 21 -15.28 -5.64 -10.05
CA HIS A 21 -14.82 -4.98 -11.27
C HIS A 21 -13.40 -5.33 -11.62
N MET A 22 -12.53 -5.28 -10.60
CA MET A 22 -11.08 -5.35 -10.82
C MET A 22 -10.66 -6.69 -11.42
N VAL A 23 -11.06 -7.80 -10.80
CA VAL A 23 -10.57 -9.11 -11.23
C VAL A 23 -10.94 -9.47 -12.67
N PRO A 24 -12.23 -9.44 -13.08
CA PRO A 24 -12.53 -9.68 -14.50
C PRO A 24 -11.90 -8.67 -15.43
N HIS A 25 -11.86 -7.40 -15.02
CA HIS A 25 -11.22 -6.39 -15.86
C HIS A 25 -9.83 -6.82 -16.25
N LEU A 26 -9.07 -7.35 -15.28
CA LEU A 26 -7.73 -7.80 -15.58
C LEU A 26 -7.73 -9.12 -16.32
N ASP A 27 -8.71 -9.99 -16.02
CA ASP A 27 -8.89 -11.19 -16.81
C ASP A 27 -9.10 -10.86 -18.27
N LEU A 28 -9.73 -9.71 -18.55
CA LEU A 28 -9.86 -9.22 -19.91
C LEU A 28 -8.56 -8.70 -20.48
N THR A 29 -7.78 -7.95 -19.67
CA THR A 29 -6.53 -7.44 -20.21
C THR A 29 -5.59 -8.59 -20.58
N HIS A 30 -5.70 -9.74 -19.90
CA HIS A 30 -4.95 -10.92 -20.32
C HIS A 30 -5.36 -11.36 -21.71
N GLN A 31 -6.66 -11.35 -22.01
CA GLN A 31 -7.10 -11.75 -23.34
C GLN A 31 -6.64 -10.76 -24.40
N ILE A 32 -6.66 -9.46 -24.09
CA ILE A 32 -6.18 -8.45 -25.04
C ILE A 32 -4.73 -8.73 -25.37
N LEU A 33 -3.93 -8.98 -24.34
CA LEU A 33 -2.49 -9.20 -24.54
C LEU A 33 -2.24 -10.53 -25.24
N LEU A 34 -2.98 -11.56 -24.82
CA LEU A 34 -2.90 -12.85 -25.49
C LEU A 34 -3.14 -12.71 -26.98
N ARG A 35 -3.95 -11.74 -27.39
CA ARG A 35 -4.24 -11.52 -28.80
C ARG A 35 -3.28 -10.54 -29.44
N GLY A 36 -2.17 -10.22 -28.77
CA GLY A 36 -1.12 -9.43 -29.37
C GLY A 36 -1.07 -7.98 -28.96
N ALA A 37 -2.00 -7.51 -28.13
CA ALA A 37 -1.94 -6.09 -27.78
C ALA A 37 -0.86 -5.83 -26.75
N THR A 38 -0.66 -4.55 -26.49
CA THR A 38 0.22 -4.05 -25.45
C THR A 38 -0.59 -3.04 -24.66
N VAL A 39 -0.62 -3.19 -23.33
CA VAL A 39 -1.55 -2.42 -22.51
C VAL A 39 -0.77 -1.67 -21.43
N THR A 40 -1.38 -0.60 -20.95
CA THR A 40 -0.88 0.13 -19.81
C THR A 40 -2.02 0.27 -18.80
N VAL A 41 -1.79 -0.22 -17.59
CA VAL A 41 -2.82 -0.24 -16.55
C VAL A 41 -2.52 0.91 -15.60
N LEU A 42 -3.48 1.84 -15.48
CA LEU A 42 -3.46 2.93 -14.51
C LEU A 42 -4.11 2.44 -13.24
N VAL A 43 -3.39 2.52 -12.13
CA VAL A 43 -3.86 2.07 -10.84
C VAL A 43 -3.39 3.06 -9.78
N THR A 44 -3.82 2.81 -8.59
CA THR A 44 -3.46 3.54 -7.40
C THR A 44 -2.53 2.73 -6.50
N PRO A 45 -1.60 3.40 -5.76
CA PRO A 45 -0.56 2.68 -5.00
C PRO A 45 -0.92 1.33 -4.36
N LYS A 46 -1.93 1.23 -3.52
CA LYS A 46 -2.18 -0.08 -2.93
C LYS A 46 -2.90 -1.04 -3.86
N ASN A 47 -3.57 -0.53 -4.91
CA ASN A 47 -4.14 -1.36 -5.98
C ASN A 47 -3.07 -1.98 -6.91
N SER A 48 -1.77 -1.75 -6.71
CA SER A 48 -0.76 -2.37 -7.55
C SER A 48 -0.63 -3.87 -7.34
N SER A 49 -0.81 -4.36 -6.11
CA SER A 49 -0.72 -5.80 -5.89
C SER A 49 -1.56 -6.59 -6.87
N TYR A 50 -2.78 -6.11 -7.16
CA TYR A 50 -3.65 -6.78 -8.11
C TYR A 50 -2.86 -7.20 -9.34
N LEU A 51 -2.17 -6.23 -9.97
CA LEU A 51 -1.50 -6.52 -11.24
C LEU A 51 -0.31 -7.37 -11.08
N ASP A 52 -0.06 -8.02 -9.94
CA ASP A 52 1.19 -8.77 -9.80
C ASP A 52 1.24 -9.96 -10.73
N ALA A 53 0.23 -10.83 -10.69
CA ALA A 53 0.24 -12.02 -11.52
C ALA A 53 0.29 -11.68 -13.00
N LEU A 54 -0.39 -10.61 -13.38
CA LEU A 54 -0.38 -10.23 -14.79
C LEU A 54 0.99 -9.74 -15.21
N ARG A 55 1.65 -9.00 -14.32
CA ARG A 55 3.02 -8.52 -14.55
C ARG A 55 3.98 -9.68 -14.74
N SER A 56 3.72 -10.82 -14.09
CA SER A 56 4.61 -11.96 -14.25
C SER A 56 4.45 -12.57 -15.62
N LEU A 57 3.20 -12.86 -16.01
CA LEU A 57 2.98 -13.58 -17.25
C LEU A 57 3.30 -12.76 -18.49
N HIS A 58 3.48 -11.44 -18.37
CA HIS A 58 3.77 -10.63 -19.56
C HIS A 58 5.00 -9.76 -19.34
N SER A 59 5.82 -9.65 -20.38
CA SER A 59 7.09 -8.97 -20.28
C SER A 59 6.90 -7.45 -20.25
N PRO A 60 7.83 -6.73 -19.64
CA PRO A 60 7.75 -5.27 -19.59
C PRO A 60 7.60 -4.59 -20.94
N GLU A 61 7.84 -5.26 -22.06
CA GLU A 61 7.62 -4.58 -23.33
C GLU A 61 6.13 -4.43 -23.61
N HIS A 62 5.34 -5.45 -23.28
CA HIS A 62 3.93 -5.52 -23.65
C HIS A 62 2.99 -5.09 -22.53
N PHE A 63 3.47 -5.09 -21.28
CA PHE A 63 2.63 -4.79 -20.13
C PHE A 63 3.30 -3.69 -19.33
N LYS A 64 2.59 -2.57 -19.14
CA LYS A 64 3.09 -1.38 -18.47
C LYS A 64 2.12 -0.88 -17.41
N THR A 65 2.67 -0.34 -16.31
CA THR A 65 1.88 0.11 -15.17
C THR A 65 2.02 1.62 -14.94
N LEU A 66 0.92 2.32 -14.79
CA LEU A 66 0.97 3.75 -14.50
C LEU A 66 0.25 3.96 -13.18
N ILE A 67 1.01 4.19 -12.13
CA ILE A 67 0.46 4.29 -10.80
C ILE A 67 0.31 5.76 -10.50
N LEU A 68 -0.89 6.21 -10.18
CA LEU A 68 -0.90 7.59 -9.75
C LEU A 68 -1.35 7.67 -8.30
N PRO A 69 -0.84 8.64 -7.53
CA PRO A 69 -1.27 8.76 -6.13
C PRO A 69 -2.78 8.99 -6.01
N PHE A 70 -3.38 8.24 -5.11
CA PHE A 70 -4.83 8.31 -4.89
C PHE A 70 -5.22 9.72 -4.44
N PRO A 71 -6.15 10.39 -5.13
CA PRO A 71 -6.62 11.69 -4.67
C PRO A 71 -7.17 11.60 -3.25
N SER A 72 -6.84 12.58 -2.44
CA SER A 72 -7.27 12.56 -1.05
C SER A 72 -8.74 12.92 -0.94
N HIS A 73 -9.46 12.26 -0.03
CA HIS A 73 -10.87 12.59 0.10
C HIS A 73 -11.32 12.66 1.56
N PRO A 74 -12.13 13.67 1.90
CA PRO A 74 -12.57 13.83 3.30
C PRO A 74 -13.50 12.74 3.77
N CYS A 75 -14.20 12.06 2.85
CA CYS A 75 -15.15 11.02 3.19
C CYS A 75 -14.57 9.62 3.06
N ILE A 76 -13.32 9.48 2.63
CA ILE A 76 -12.62 8.19 2.66
C ILE A 76 -11.60 8.23 3.79
N PRO A 77 -11.53 7.19 4.63
CA PRO A 77 -10.50 7.15 5.67
C PRO A 77 -9.13 7.06 5.02
N SER A 78 -8.13 7.64 5.70
CA SER A 78 -6.80 7.75 5.12
C SER A 78 -6.25 6.38 4.74
N GLY A 79 -5.57 6.34 3.59
CA GLY A 79 -4.88 5.15 3.19
C GLY A 79 -5.73 4.08 2.56
N VAL A 80 -7.05 4.30 2.42
CA VAL A 80 -7.93 3.36 1.73
C VAL A 80 -8.04 3.79 0.28
N GLU A 81 -7.91 2.82 -0.63
CA GLU A 81 -7.88 3.09 -2.06
C GLU A 81 -8.80 2.18 -2.86
N SER A 82 -9.51 1.25 -2.21
CA SER A 82 -10.43 0.37 -2.89
C SER A 82 -11.68 0.21 -2.04
N LEU A 83 -12.71 -0.35 -2.67
CA LEU A 83 -13.99 -0.52 -2.01
C LEU A 83 -14.13 -1.85 -1.29
N GLN A 84 -13.10 -2.71 -1.30
CA GLN A 84 -13.10 -3.89 -0.44
C GLN A 84 -13.39 -3.53 1.00
N GLN A 85 -13.04 -2.32 1.39
CA GLN A 85 -12.91 -1.95 2.78
C GLN A 85 -14.03 -1.05 3.25
N LEU A 86 -14.45 -0.11 2.41
CA LEU A 86 -15.60 0.71 2.69
C LEU A 86 -16.87 -0.12 2.52
N PRO A 87 -18.00 0.33 3.06
CA PRO A 87 -19.27 -0.32 2.71
C PRO A 87 -19.72 0.09 1.32
N LEU A 88 -20.68 -0.67 0.78
CA LEU A 88 -21.07 -0.42 -0.60
C LEU A 88 -21.71 0.94 -0.75
N GLU A 89 -22.35 1.45 0.31
CA GLU A 89 -22.98 2.76 0.27
C GLU A 89 -21.98 3.91 0.12
N ALA A 90 -20.70 3.66 0.35
CA ALA A 90 -19.63 4.64 0.24
C ALA A 90 -18.97 4.64 -1.12
N ILE A 91 -19.64 4.12 -2.16
CA ILE A 91 -19.06 4.11 -3.49
C ILE A 91 -19.09 5.49 -4.12
N VAL A 92 -20.08 6.32 -3.78
CA VAL A 92 -20.24 7.61 -4.44
C VAL A 92 -19.05 8.52 -4.13
N HIS A 93 -18.41 8.34 -2.97
CA HIS A 93 -17.20 9.08 -2.69
C HIS A 93 -15.98 8.49 -3.38
N MET A 94 -15.91 7.16 -3.51
CA MET A 94 -14.88 6.58 -4.36
C MET A 94 -14.97 7.12 -5.79
N PHE A 95 -16.17 7.48 -6.23
CA PHE A 95 -16.37 8.00 -7.58
C PHE A 95 -15.79 9.38 -7.72
N ASP A 96 -16.15 10.26 -6.79
CA ASP A 96 -15.63 11.61 -6.83
C ASP A 96 -14.13 11.62 -6.59
N ALA A 97 -13.68 10.90 -5.56
CA ALA A 97 -12.25 10.77 -5.35
C ALA A 97 -11.54 10.45 -6.66
N LEU A 98 -11.84 9.29 -7.28
CA LEU A 98 -11.11 8.93 -8.50
C LEU A 98 -11.39 9.89 -9.65
N SER A 99 -12.50 10.63 -9.57
CA SER A 99 -12.76 11.66 -10.57
C SER A 99 -11.60 12.63 -10.69
N ARG A 100 -10.96 12.96 -9.56
CA ARG A 100 -9.83 13.87 -9.51
C ARG A 100 -8.58 13.30 -10.19
N LEU A 101 -8.55 12.00 -10.47
CA LEU A 101 -7.46 11.40 -11.23
C LEU A 101 -7.39 11.90 -12.66
N HIS A 102 -8.33 12.76 -13.07
CA HIS A 102 -8.46 13.13 -14.47
C HIS A 102 -7.24 13.89 -14.95
N ASP A 103 -6.95 15.02 -14.29
CA ASP A 103 -5.82 15.87 -14.66
C ASP A 103 -4.49 15.12 -14.78
N PRO A 104 -4.04 14.36 -13.77
CA PRO A 104 -2.75 13.66 -13.93
C PRO A 104 -2.70 12.74 -15.12
N LEU A 105 -3.81 12.04 -15.41
CA LEU A 105 -3.83 11.24 -16.63
C LEU A 105 -3.66 12.12 -17.86
N VAL A 106 -4.47 13.18 -17.96
CA VAL A 106 -4.33 14.13 -19.06
C VAL A 106 -2.91 14.59 -19.18
N ASP A 107 -2.30 14.97 -18.05
CA ASP A 107 -0.92 15.40 -18.04
C ASP A 107 0.00 14.32 -18.58
N PHE A 108 -0.10 13.12 -18.02
CA PHE A 108 0.77 12.03 -18.44
C PHE A 108 0.67 11.79 -19.94
N LEU A 109 -0.55 11.83 -20.48
CA LEU A 109 -0.74 11.52 -21.88
C LEU A 109 -0.22 12.61 -22.79
N SER A 110 -0.23 13.87 -22.33
CA SER A 110 0.25 14.95 -23.18
C SER A 110 1.77 14.93 -23.33
N ARG A 111 2.51 14.52 -22.28
CA ARG A 111 3.96 14.40 -22.23
C ARG A 111 4.48 13.17 -22.97
N GLN A 112 3.70 12.62 -23.84
CA GLN A 112 3.88 11.40 -24.58
C GLN A 112 4.12 11.68 -26.04
N PRO A 113 5.04 10.94 -26.67
CA PRO A 113 5.12 10.99 -28.13
C PRO A 113 3.89 10.34 -28.73
N PRO A 114 3.33 10.92 -29.82
CA PRO A 114 2.04 10.43 -30.36
C PRO A 114 2.05 9.00 -30.91
N SER A 115 3.23 8.38 -30.96
CA SER A 115 3.40 6.97 -31.28
C SER A 115 3.37 6.08 -30.04
N ASP A 116 3.31 6.69 -28.86
CA ASP A 116 3.06 5.98 -27.61
C ASP A 116 1.66 6.19 -27.08
N LEU A 117 0.90 7.13 -27.65
CA LEU A 117 -0.45 7.37 -27.19
C LEU A 117 -1.35 6.21 -27.60
N PRO A 118 -2.15 5.69 -26.67
CA PRO A 118 -2.87 4.44 -26.91
C PRO A 118 -3.93 4.60 -27.98
N ASP A 119 -4.26 3.49 -28.61
CA ASP A 119 -5.25 3.53 -29.65
C ASP A 119 -6.67 3.46 -29.11
N ALA A 120 -6.83 3.08 -27.83
CA ALA A 120 -8.13 3.02 -27.19
C ALA A 120 -7.93 2.95 -25.67
N ILE A 121 -8.88 3.53 -24.91
CA ILE A 121 -8.97 3.39 -23.46
C ILE A 121 -10.00 2.31 -23.10
N LEU A 122 -9.60 1.37 -22.26
CA LEU A 122 -10.51 0.32 -21.80
C LEU A 122 -10.77 0.46 -20.29
N GLY A 123 -11.55 1.47 -19.92
CA GLY A 123 -11.80 1.74 -18.52
C GLY A 123 -13.14 1.23 -18.05
N SER A 124 -13.32 1.23 -16.73
CA SER A 124 -14.63 0.84 -16.21
C SER A 124 -15.67 1.85 -16.60
N SER A 125 -16.86 1.34 -16.85
CA SER A 125 -18.01 2.19 -17.08
C SER A 125 -18.32 3.04 -15.85
N PHE A 126 -17.93 2.59 -14.65
CA PHE A 126 -18.16 3.42 -13.48
C PHE A 126 -17.30 4.67 -13.50
N LEU A 127 -16.19 4.63 -14.22
CA LEU A 127 -15.31 5.78 -14.35
C LEU A 127 -15.44 6.42 -15.71
N SER A 128 -16.40 5.97 -16.49
CA SER A 128 -16.61 6.58 -17.81
C SER A 128 -16.77 8.08 -17.77
N PRO A 129 -17.55 8.70 -16.85
CA PRO A 129 -17.81 10.15 -16.96
C PRO A 129 -16.57 10.98 -17.23
N TRP A 130 -15.47 10.74 -16.51
CA TRP A 130 -14.26 11.53 -16.73
C TRP A 130 -13.29 10.87 -17.70
N ILE A 131 -13.27 9.53 -17.75
CA ILE A 131 -12.45 8.85 -18.74
C ILE A 131 -12.90 9.25 -20.13
N ASN A 132 -14.22 9.33 -20.34
CA ASN A 132 -14.71 9.77 -21.64
C ASN A 132 -14.26 11.19 -21.95
N LYS A 133 -14.13 12.03 -20.92
CA LYS A 133 -13.62 13.38 -21.16
C LYS A 133 -12.15 13.34 -21.59
N VAL A 134 -11.38 12.44 -21.00
CA VAL A 134 -9.99 12.24 -21.44
C VAL A 134 -9.96 11.67 -22.85
N ALA A 135 -10.77 10.65 -23.11
CA ALA A 135 -10.71 9.97 -24.40
C ALA A 135 -10.94 10.93 -25.55
N ASP A 136 -11.83 11.90 -25.37
CA ASP A 136 -12.10 12.86 -26.43
C ASP A 136 -10.92 13.80 -26.62
N ALA A 137 -10.44 14.39 -25.52
CA ALA A 137 -9.38 15.37 -25.60
C ALA A 137 -8.24 14.86 -26.47
N PHE A 138 -7.87 13.59 -26.31
CA PHE A 138 -6.78 13.00 -27.07
C PHE A 138 -7.28 12.15 -28.22
N SER A 139 -8.57 12.21 -28.53
CA SER A 139 -9.14 11.54 -29.70
C SER A 139 -8.80 10.05 -29.71
N ILE A 140 -9.00 9.42 -28.55
CA ILE A 140 -8.86 8.00 -28.33
C ILE A 140 -10.27 7.41 -28.17
N LYS A 141 -10.43 6.16 -28.59
CA LYS A 141 -11.70 5.46 -28.47
C LYS A 141 -11.91 5.01 -27.04
N SER A 142 -13.02 5.40 -26.44
CA SER A 142 -13.36 5.01 -25.07
C SER A 142 -14.28 3.78 -25.08
N ILE A 143 -13.76 2.64 -24.62
CA ILE A 143 -14.54 1.42 -24.52
C ILE A 143 -14.76 1.11 -23.04
N SER A 144 -16.01 0.86 -22.67
CA SER A 144 -16.39 0.76 -21.26
C SER A 144 -16.45 -0.69 -20.84
N PHE A 145 -16.24 -0.92 -19.55
CA PHE A 145 -16.31 -2.28 -19.05
C PHE A 145 -17.18 -2.35 -17.80
N LEU A 146 -18.12 -3.32 -17.78
CA LEU A 146 -18.97 -3.69 -16.66
C LEU A 146 -18.91 -5.19 -16.42
N PRO A 147 -18.79 -5.63 -15.18
CA PRO A 147 -18.74 -7.07 -14.88
C PRO A 147 -20.11 -7.70 -14.63
N ILE A 148 -21.18 -6.97 -14.95
CA ILE A 148 -22.54 -7.43 -14.75
C ILE A 148 -23.12 -7.83 -16.11
N ASN A 149 -24.17 -8.65 -16.07
CA ASN A 149 -24.87 -9.12 -17.26
C ASN A 149 -25.78 -8.05 -17.82
N ALA A 150 -26.21 -8.27 -19.06
CA ALA A 150 -27.03 -7.28 -19.72
C ALA A 150 -28.46 -7.28 -19.19
N HIS A 151 -28.89 -8.34 -18.51
CA HIS A 151 -30.19 -8.23 -17.86
C HIS A 151 -30.18 -7.12 -16.81
N SER A 152 -29.13 -7.07 -15.99
CA SER A 152 -28.95 -6.00 -15.01
C SER A 152 -28.86 -4.62 -15.67
N ILE A 153 -28.01 -4.48 -16.70
CA ILE A 153 -27.84 -3.19 -17.39
C ILE A 153 -29.17 -2.71 -17.94
N SER A 154 -29.96 -3.61 -18.51
CA SER A 154 -31.23 -3.18 -19.09
C SER A 154 -32.21 -2.69 -18.01
N VAL A 155 -32.25 -3.38 -16.86
CA VAL A 155 -33.06 -2.95 -15.71
C VAL A 155 -32.52 -1.65 -15.13
N MET A 156 -31.22 -1.52 -15.05
CA MET A 156 -30.65 -0.35 -14.39
C MET A 156 -30.80 0.92 -15.24
N TRP A 157 -30.42 0.81 -16.50
CA TRP A 157 -30.43 1.97 -17.38
C TRP A 157 -31.83 2.48 -17.59
N ALA A 158 -32.82 1.56 -17.59
CA ALA A 158 -34.22 1.91 -17.79
C ALA A 158 -34.83 2.56 -16.56
N GLN A 159 -34.15 2.50 -15.42
CA GLN A 159 -34.61 3.19 -14.24
C GLN A 159 -34.90 4.66 -14.54
N GLU A 160 -35.99 5.18 -13.97
CA GLU A 160 -36.25 6.62 -14.07
C GLU A 160 -35.36 7.44 -13.13
N ASP A 161 -35.29 7.08 -11.85
CA ASP A 161 -34.35 7.70 -10.93
C ASP A 161 -33.13 6.78 -10.92
N ARG A 162 -32.08 7.22 -11.61
CA ARG A 162 -30.87 6.42 -11.73
C ARG A 162 -29.79 6.85 -10.76
N SER A 163 -30.02 7.86 -9.94
CA SER A 163 -28.83 8.51 -9.44
C SER A 163 -28.63 8.21 -7.97
N PHE A 164 -27.37 8.20 -7.53
CA PHE A 164 -26.18 8.81 -8.18
C PHE A 164 -25.49 8.11 -9.41
N PHE A 165 -26.03 6.99 -9.88
CA PHE A 165 -25.44 6.28 -11.01
C PHE A 165 -25.69 6.93 -12.37
N ASN A 166 -26.47 8.03 -12.44
CA ASN A 166 -26.90 8.54 -13.74
C ASN A 166 -25.74 8.85 -14.68
N ASP A 167 -24.77 9.64 -14.22
CA ASP A 167 -23.75 10.12 -15.13
C ASP A 167 -22.95 8.96 -15.70
N LEU A 168 -22.50 8.04 -14.85
CA LEU A 168 -21.74 6.92 -15.39
C LEU A 168 -22.55 6.12 -16.40
N GLU A 169 -23.89 6.04 -16.22
CA GLU A 169 -24.76 5.34 -17.17
C GLU A 169 -24.92 6.14 -18.46
N THR A 170 -25.06 7.46 -18.36
CA THR A 170 -25.07 8.28 -19.55
C THR A 170 -23.74 8.20 -20.28
N ALA A 171 -22.63 8.37 -19.56
CA ALA A 171 -21.32 8.29 -20.19
C ALA A 171 -21.09 6.95 -20.86
N THR A 172 -21.43 5.85 -20.17
CA THR A 172 -21.32 4.52 -20.76
C THR A 172 -22.13 4.43 -22.05
N THR A 173 -23.33 5.01 -22.03
CA THR A 173 -24.20 5.05 -23.19
C THR A 173 -23.59 5.86 -24.31
N GLU A 174 -22.64 6.75 -24.01
CA GLU A 174 -22.05 7.59 -25.02
C GLU A 174 -20.69 7.14 -25.47
N SER A 175 -20.10 6.16 -24.82
CA SER A 175 -18.78 5.66 -25.21
C SER A 175 -18.78 5.06 -26.61
N TYR A 176 -17.61 4.67 -27.08
CA TYR A 176 -17.53 3.96 -28.35
C TYR A 176 -18.40 2.70 -28.31
N GLY A 177 -18.23 1.88 -27.28
CA GLY A 177 -19.00 0.67 -27.13
C GLY A 177 -18.90 0.21 -25.70
N LEU A 178 -19.37 -1.00 -25.45
CA LEU A 178 -19.34 -1.53 -24.09
C LEU A 178 -19.01 -3.01 -24.09
N VAL A 179 -18.09 -3.40 -23.19
CA VAL A 179 -17.76 -4.81 -22.97
C VAL A 179 -18.40 -5.26 -21.66
N ILE A 180 -19.05 -6.43 -21.68
CA ILE A 180 -19.58 -7.02 -20.46
C ILE A 180 -19.10 -8.46 -20.34
N ASN A 181 -19.20 -8.97 -19.12
CA ASN A 181 -18.77 -10.32 -18.76
C ASN A 181 -19.99 -11.23 -18.71
N SER A 182 -20.44 -11.57 -19.92
CA SER A 182 -21.55 -12.49 -20.09
C SER A 182 -21.32 -13.15 -21.43
N PHE A 183 -22.12 -14.17 -21.74
CA PHE A 183 -22.17 -14.74 -23.08
C PHE A 183 -23.55 -14.54 -23.69
N TYR A 184 -23.58 -14.47 -25.03
CA TYR A 184 -24.78 -14.00 -25.73
C TYR A 184 -25.95 -14.95 -25.55
N ASP A 185 -25.76 -16.24 -25.81
CA ASP A 185 -26.90 -17.16 -25.77
C ASP A 185 -27.59 -17.23 -24.41
N LEU A 186 -27.00 -16.66 -23.35
CA LEU A 186 -27.63 -16.72 -22.03
C LEU A 186 -28.82 -15.79 -21.90
N GLU A 187 -28.70 -14.62 -22.48
CA GLU A 187 -29.67 -13.54 -22.36
C GLU A 187 -29.62 -12.72 -23.65
N PRO A 188 -29.95 -13.32 -24.79
CA PRO A 188 -29.90 -12.53 -26.01
C PRO A 188 -30.92 -11.40 -26.00
N GLU A 189 -32.09 -11.61 -25.37
CA GLU A 189 -33.12 -10.58 -25.39
C GLU A 189 -32.57 -9.28 -24.80
N PHE A 190 -31.77 -9.40 -23.74
CA PHE A 190 -31.24 -8.26 -22.99
C PHE A 190 -29.97 -7.70 -23.56
N VAL A 191 -29.11 -8.54 -24.12
CA VAL A 191 -27.97 -8.02 -24.87
C VAL A 191 -28.47 -7.08 -25.96
N GLU A 192 -29.50 -7.50 -26.71
CA GLU A 192 -30.07 -6.63 -27.73
C GLU A 192 -30.84 -5.47 -27.15
N THR A 193 -31.46 -5.64 -25.99
CA THR A 193 -32.06 -4.49 -25.34
C THR A 193 -31.03 -3.40 -25.17
N VAL A 194 -29.93 -3.73 -24.48
CA VAL A 194 -28.89 -2.75 -24.18
C VAL A 194 -28.33 -2.17 -25.46
N LYS A 195 -28.00 -3.04 -26.41
CA LYS A 195 -27.37 -2.62 -27.65
C LYS A 195 -28.24 -1.61 -28.40
N THR A 196 -29.54 -1.90 -28.55
CA THR A 196 -30.40 -0.99 -29.29
C THR A 196 -30.85 0.21 -28.46
N ARG A 197 -31.22 -0.05 -27.23
CA ARG A 197 -31.94 0.92 -26.44
C ARG A 197 -31.04 1.80 -25.60
N PHE A 198 -29.81 1.39 -25.28
CA PHE A 198 -29.01 2.15 -24.33
C PHE A 198 -27.58 2.40 -24.79
N LEU A 199 -27.24 2.10 -26.02
CA LEU A 199 -25.90 2.33 -26.51
C LEU A 199 -26.02 3.17 -27.75
N ASN A 200 -25.48 4.38 -27.71
CA ASN A 200 -25.71 5.30 -28.80
C ASN A 200 -25.14 4.76 -30.10
N HIS A 201 -23.98 4.11 -30.04
CA HIS A 201 -23.43 3.51 -31.24
C HIS A 201 -23.62 2.01 -31.29
N HIS A 202 -24.46 1.46 -30.42
CA HIS A 202 -24.96 0.10 -30.57
C HIS A 202 -23.82 -0.92 -30.70
N ARG A 203 -22.71 -0.68 -30.03
CA ARG A 203 -21.55 -1.55 -30.04
C ARG A 203 -21.44 -2.24 -28.69
N ILE A 204 -21.56 -3.56 -28.66
CA ILE A 204 -21.52 -4.29 -27.40
C ILE A 204 -20.76 -5.60 -27.60
N TRP A 205 -19.78 -5.87 -26.76
CA TRP A 205 -19.02 -7.11 -26.87
C TRP A 205 -19.32 -7.95 -25.63
N THR A 206 -19.86 -9.15 -25.83
CA THR A 206 -20.03 -10.11 -24.74
C THR A 206 -18.83 -11.05 -24.76
N VAL A 207 -18.17 -11.17 -23.61
CA VAL A 207 -16.86 -11.82 -23.54
C VAL A 207 -16.82 -12.96 -22.53
N GLY A 208 -17.79 -13.07 -21.62
CA GLY A 208 -17.77 -14.07 -20.57
C GLY A 208 -18.02 -15.51 -20.97
N PRO A 209 -17.79 -16.45 -20.03
CA PRO A 209 -17.28 -16.16 -18.70
C PRO A 209 -15.80 -15.84 -18.80
N LEU A 210 -15.41 -14.65 -18.38
CA LEU A 210 -14.00 -14.29 -18.32
C LEU A 210 -13.35 -15.24 -17.33
N LEU A 211 -12.61 -16.24 -17.83
CA LEU A 211 -12.06 -17.14 -16.82
C LEU A 211 -10.74 -16.59 -16.29
N PRO A 212 -10.41 -16.83 -15.02
CA PRO A 212 -9.17 -16.28 -14.46
C PRO A 212 -7.97 -17.15 -14.79
N PHE A 213 -6.81 -16.51 -14.79
CA PHE A 213 -5.59 -17.19 -15.19
C PHE A 213 -4.78 -17.52 -13.96
N LYS A 214 -4.01 -18.59 -14.06
CA LYS A 214 -3.12 -19.02 -12.99
C LYS A 214 -1.76 -19.38 -13.57
N SER A 223 -5.70 -17.46 3.38
CA SER A 223 -4.51 -17.11 4.15
C SER A 223 -4.53 -17.79 5.51
N SER A 224 -5.72 -18.19 5.98
CA SER A 224 -5.80 -18.86 7.28
C SER A 224 -5.47 -20.33 7.19
N ILE A 225 -5.82 -20.97 6.08
CA ILE A 225 -5.51 -22.39 5.84
C ILE A 225 -4.91 -22.43 4.43
N PRO A 226 -3.78 -23.11 4.23
CA PRO A 226 -3.03 -22.99 2.96
C PRO A 226 -3.79 -23.60 1.80
N PRO A 227 -3.54 -23.14 0.59
CA PRO A 227 -4.28 -23.67 -0.55
C PRO A 227 -4.10 -25.17 -0.76
N ALA A 228 -2.99 -25.74 -0.30
CA ALA A 228 -2.74 -27.17 -0.51
C ALA A 228 -3.43 -28.04 0.53
N LYS A 229 -3.39 -27.65 1.81
CA LYS A 229 -4.03 -28.45 2.85
C LYS A 229 -5.55 -28.53 2.65
N VAL A 230 -6.14 -27.51 2.04
CA VAL A 230 -7.57 -27.57 1.74
C VAL A 230 -7.85 -28.56 0.60
N SER A 231 -6.91 -28.70 -0.36
CA SER A 231 -7.10 -29.69 -1.44
C SER A 231 -7.03 -31.12 -0.90
N ALA A 232 -6.13 -31.38 0.04
CA ALA A 232 -6.10 -32.69 0.68
C ALA A 232 -7.39 -32.97 1.43
N TRP A 233 -7.95 -31.95 2.06
CA TRP A 233 -9.23 -32.12 2.75
C TRP A 233 -10.34 -32.52 1.78
N LEU A 234 -10.46 -31.77 0.69
CA LEU A 234 -11.51 -32.05 -0.29
C LEU A 234 -11.35 -33.44 -0.88
N ASP A 235 -10.11 -33.80 -1.25
CA ASP A 235 -9.84 -35.12 -1.79
C ASP A 235 -10.22 -36.21 -0.79
N SER A 236 -10.07 -35.93 0.50
CA SER A 236 -10.47 -36.86 1.55
C SER A 236 -11.98 -37.06 1.60
N CYS A 237 -12.73 -36.39 0.72
CA CYS A 237 -14.19 -36.52 0.61
C CYS A 237 -14.61 -37.02 -0.77
N PRO A 238 -14.72 -38.35 -0.95
CA PRO A 238 -15.87 -38.89 -1.68
C PRO A 238 -16.98 -39.18 -0.69
N GLU A 239 -18.23 -39.14 -1.16
CA GLU A 239 -18.61 -39.04 -2.58
C GLU A 239 -18.40 -37.70 -3.31
N ASP A 240 -18.55 -37.73 -4.64
CA ASP A 240 -18.38 -36.54 -5.46
C ASP A 240 -19.58 -35.63 -5.24
N ASN A 241 -19.32 -34.32 -5.18
CA ASN A 241 -20.33 -33.29 -4.92
C ASN A 241 -20.83 -33.32 -3.46
N SER A 242 -20.07 -33.93 -2.55
CA SER A 242 -20.55 -34.13 -1.19
C SER A 242 -20.81 -32.80 -0.49
N VAL A 243 -19.87 -31.91 -0.59
CA VAL A 243 -19.79 -30.74 0.28
C VAL A 243 -20.45 -29.55 -0.39
N VAL A 244 -20.90 -28.62 0.44
CA VAL A 244 -21.43 -27.33 0.02
C VAL A 244 -20.42 -26.26 0.39
N TYR A 245 -20.18 -25.34 -0.54
CA TYR A 245 -19.31 -24.20 -0.31
C TYR A 245 -20.16 -22.97 -0.01
N VAL A 246 -19.91 -22.34 1.13
CA VAL A 246 -20.74 -21.24 1.62
C VAL A 246 -19.84 -20.02 1.72
N GLY A 247 -20.10 -19.01 0.90
CA GLY A 247 -19.23 -17.85 0.88
C GLY A 247 -19.84 -16.60 0.27
N PHE A 248 -19.69 -15.51 0.99
CA PHE A 248 -20.18 -14.22 0.56
C PHE A 248 -19.05 -13.24 0.36
N GLY A 249 -17.84 -13.62 0.81
CA GLY A 249 -16.59 -12.97 0.48
C GLY A 249 -16.56 -11.47 0.59
N SER A 250 -15.49 -10.89 0.03
CA SER A 250 -15.51 -9.48 -0.29
C SER A 250 -16.62 -9.17 -1.31
N GLN A 251 -17.41 -8.15 -0.98
CA GLN A 251 -17.21 -7.41 0.29
C GLN A 251 -18.42 -7.42 1.31
N ILE A 252 -19.49 -8.14 1.00
CA ILE A 252 -20.69 -8.14 1.85
C ILE A 252 -20.40 -8.90 3.14
N ARG A 253 -20.45 -8.21 4.27
CA ARG A 253 -20.16 -8.85 5.54
C ARG A 253 -21.44 -9.08 6.33
N LEU A 254 -21.39 -10.07 7.20
CA LEU A 254 -22.54 -10.61 7.92
C LEU A 254 -22.77 -9.78 9.18
N THR A 255 -23.72 -10.20 10.02
CA THR A 255 -23.76 -9.68 11.39
C THR A 255 -24.16 -10.79 12.36
N ALA A 256 -23.68 -10.62 13.60
CA ALA A 256 -23.50 -11.69 14.58
C ALA A 256 -24.76 -12.51 14.84
N GLU A 257 -25.94 -11.90 14.73
CA GLU A 257 -27.19 -12.62 14.93
C GLU A 257 -27.53 -13.47 13.71
N GLN A 258 -27.21 -12.95 12.52
CA GLN A 258 -27.45 -13.66 11.28
C GLN A 258 -26.57 -14.89 11.15
N THR A 259 -25.31 -14.79 11.58
CA THR A 259 -24.36 -15.90 11.47
C THR A 259 -24.76 -17.10 12.32
N ALA A 260 -25.19 -16.84 13.55
CA ALA A 260 -25.65 -17.91 14.44
C ALA A 260 -26.84 -18.65 13.83
N ALA A 261 -27.70 -17.93 13.10
CA ALA A 261 -28.75 -18.57 12.34
C ALA A 261 -28.16 -19.48 11.26
N LEU A 262 -27.09 -19.04 10.60
CA LEU A 262 -26.44 -19.85 9.57
C LEU A 262 -25.66 -21.01 10.17
N ALA A 263 -24.87 -20.75 11.21
CA ALA A 263 -24.13 -21.84 11.84
C ALA A 263 -25.07 -22.91 12.36
N ALA A 264 -26.22 -22.49 12.90
CA ALA A 264 -27.24 -23.47 13.29
C ALA A 264 -27.77 -24.21 12.07
N ALA A 265 -28.00 -23.48 10.98
CA ALA A 265 -28.48 -24.13 9.76
C ALA A 265 -27.45 -25.10 9.22
N LEU A 266 -26.17 -24.74 9.35
CA LEU A 266 -25.10 -25.60 8.84
C LEU A 266 -25.00 -26.90 9.63
N GLU A 267 -25.15 -26.85 10.96
CA GLU A 267 -24.95 -28.03 11.81
C GLU A 267 -26.07 -29.05 11.65
N LYS A 268 -27.33 -28.60 11.69
CA LYS A 268 -28.47 -29.50 11.59
C LYS A 268 -28.51 -30.27 10.27
N SER A 269 -27.74 -29.83 9.28
CA SER A 269 -27.77 -30.46 7.96
C SER A 269 -26.91 -31.72 7.89
N SER A 270 -25.89 -31.82 8.74
CA SER A 270 -25.01 -32.99 8.82
C SER A 270 -24.25 -33.25 7.52
N VAL A 271 -24.04 -32.21 6.69
CA VAL A 271 -23.32 -32.36 5.43
C VAL A 271 -22.00 -31.59 5.52
N ARG A 272 -21.00 -32.11 4.83
CA ARG A 272 -19.71 -31.47 4.80
C ARG A 272 -19.81 -30.11 4.13
N PHE A 273 -19.05 -29.14 4.64
CA PHE A 273 -19.10 -27.79 4.11
C PHE A 273 -17.72 -27.16 4.15
N ILE A 274 -17.59 -26.02 3.48
CA ILE A 274 -16.51 -25.08 3.72
C ILE A 274 -17.12 -23.68 3.75
N TRP A 275 -16.54 -22.81 4.56
CA TRP A 275 -17.20 -21.55 4.88
C TRP A 275 -16.14 -20.49 5.19
N ALA A 276 -15.86 -19.64 4.20
CA ALA A 276 -14.76 -18.69 4.29
C ALA A 276 -15.24 -17.34 4.84
N VAL A 277 -14.45 -16.77 5.75
CA VAL A 277 -14.79 -15.46 6.30
C VAL A 277 -13.64 -14.48 6.14
N PRO A 297 -16.84 -13.18 19.50
CA PRO A 297 -15.90 -13.91 18.65
C PRO A 297 -16.11 -13.62 17.17
N ALA A 298 -15.33 -14.29 16.33
CA ALA A 298 -15.67 -14.32 14.91
C ALA A 298 -17.04 -14.96 14.70
N GLY A 299 -17.39 -15.93 15.54
CA GLY A 299 -18.68 -16.58 15.49
C GLY A 299 -18.74 -17.65 14.43
N PHE A 300 -19.47 -18.74 14.67
CA PHE A 300 -20.17 -18.98 15.92
C PHE A 300 -19.12 -19.42 16.95
N GLU A 301 -19.52 -19.71 18.19
CA GLU A 301 -18.53 -19.97 19.24
C GLU A 301 -18.05 -21.41 19.27
N GLU A 302 -18.81 -22.36 18.74
CA GLU A 302 -18.43 -23.77 18.71
C GLU A 302 -18.18 -24.19 17.26
N ARG A 303 -16.98 -23.90 16.78
CA ARG A 303 -16.49 -24.46 15.53
C ARG A 303 -16.47 -25.98 15.54
N VAL A 304 -16.50 -26.60 16.71
CA VAL A 304 -16.09 -28.00 16.83
C VAL A 304 -17.22 -28.95 16.44
N LYS A 305 -17.38 -29.14 15.13
CA LYS A 305 -18.10 -30.30 14.58
C LYS A 305 -17.54 -30.47 13.18
N GLU A 306 -16.76 -31.53 12.97
CA GLU A 306 -15.79 -31.58 11.86
C GLU A 306 -16.29 -32.45 10.71
N LYS A 307 -17.29 -31.93 10.03
CA LYS A 307 -17.55 -32.28 8.65
C LYS A 307 -17.33 -31.09 7.73
N GLY A 308 -17.17 -29.90 8.28
CA GLY A 308 -16.93 -28.73 7.46
C GLY A 308 -15.82 -27.87 8.01
N LEU A 309 -15.08 -27.27 7.10
CA LEU A 309 -13.87 -26.51 7.41
C LEU A 309 -14.14 -25.02 7.31
N VAL A 310 -13.37 -24.23 8.04
CA VAL A 310 -13.59 -22.79 8.18
C VAL A 310 -12.30 -22.03 7.87
N ILE A 311 -12.36 -21.12 6.90
CA ILE A 311 -11.20 -20.37 6.42
C ILE A 311 -11.36 -18.89 6.76
N ARG A 312 -10.47 -18.35 7.58
CA ARG A 312 -10.49 -16.91 7.86
C ARG A 312 -9.73 -16.18 6.76
N GLY A 313 -10.33 -15.12 6.24
CA GLY A 313 -9.66 -14.38 5.19
C GLY A 313 -9.79 -14.97 3.80
N TRP A 314 -8.70 -14.98 3.04
CA TRP A 314 -8.72 -15.42 1.64
C TRP A 314 -8.90 -16.92 1.51
N ALA A 315 -9.71 -17.33 0.53
CA ALA A 315 -9.96 -18.71 0.19
C ALA A 315 -9.86 -18.89 -1.32
N PRO A 316 -9.31 -20.03 -1.77
CA PRO A 316 -9.15 -20.37 -3.21
C PRO A 316 -10.45 -20.83 -3.84
N GLN A 317 -11.34 -19.87 -4.10
CA GLN A 317 -12.71 -20.21 -4.46
C GLN A 317 -12.77 -20.99 -5.77
N THR A 318 -12.11 -20.47 -6.80
CA THR A 318 -12.11 -21.13 -8.10
C THR A 318 -11.75 -22.61 -7.95
N MET A 319 -10.64 -22.90 -7.26
CA MET A 319 -10.20 -24.28 -7.07
C MET A 319 -11.19 -25.08 -6.24
N ILE A 320 -11.80 -24.46 -5.23
CA ILE A 320 -12.79 -25.16 -4.42
C ILE A 320 -13.96 -25.61 -5.28
N LEU A 321 -14.47 -24.70 -6.08
CA LEU A 321 -15.72 -24.95 -6.80
C LEU A 321 -15.47 -25.89 -7.98
N GLU A 322 -14.30 -25.79 -8.61
CA GLU A 322 -13.94 -26.71 -9.70
C GLU A 322 -13.78 -28.13 -9.18
N HIS A 323 -13.44 -28.26 -7.90
CA HIS A 323 -13.14 -29.56 -7.31
C HIS A 323 -14.36 -30.47 -7.37
N ARG A 324 -14.10 -31.76 -7.52
CA ARG A 324 -15.17 -32.72 -7.76
C ARG A 324 -16.13 -32.80 -6.58
N ALA A 325 -15.61 -32.54 -5.38
CA ALA A 325 -16.33 -32.86 -4.14
C ALA A 325 -17.41 -31.86 -3.81
N VAL A 326 -17.37 -30.65 -4.40
CA VAL A 326 -18.34 -29.59 -4.11
C VAL A 326 -19.48 -29.71 -5.09
N GLY A 327 -20.70 -29.55 -4.59
CA GLY A 327 -21.84 -29.69 -5.47
C GLY A 327 -22.82 -28.56 -5.34
N SER A 328 -22.55 -27.66 -4.40
CA SER A 328 -23.44 -26.56 -4.07
C SER A 328 -22.65 -25.33 -3.59
N TYR A 329 -23.13 -24.16 -3.99
CA TYR A 329 -22.56 -22.87 -3.61
C TYR A 329 -23.65 -22.05 -2.94
N LEU A 330 -23.46 -21.71 -1.69
CA LEU A 330 -24.40 -20.81 -1.02
C LEU A 330 -23.83 -19.41 -1.15
N THR A 331 -24.43 -18.61 -2.03
CA THR A 331 -23.83 -17.36 -2.46
C THR A 331 -24.86 -16.23 -2.39
N HIS A 332 -24.37 -15.03 -2.11
CA HIS A 332 -25.16 -13.82 -2.23
C HIS A 332 -25.70 -13.64 -3.64
N LEU A 333 -25.32 -14.51 -4.57
CA LEU A 333 -25.73 -14.51 -5.99
C LEU A 333 -25.12 -13.34 -6.76
N GLY A 334 -23.87 -13.02 -6.46
CA GLY A 334 -23.14 -12.13 -7.34
C GLY A 334 -22.99 -12.72 -8.74
N TRP A 335 -22.87 -11.84 -9.74
CA TRP A 335 -22.73 -12.33 -11.10
C TRP A 335 -21.40 -13.04 -11.30
N GLY A 336 -20.33 -12.55 -10.66
CA GLY A 336 -19.06 -13.24 -10.74
C GLY A 336 -19.16 -14.61 -10.11
N SER A 337 -19.94 -14.72 -9.04
CA SER A 337 -20.17 -16.00 -8.40
C SER A 337 -21.12 -16.84 -9.24
N VAL A 338 -22.06 -16.19 -9.92
CA VAL A 338 -22.94 -16.95 -10.81
C VAL A 338 -22.10 -17.68 -11.87
N LEU A 339 -21.14 -16.99 -12.48
CA LEU A 339 -20.33 -17.61 -13.53
C LEU A 339 -19.29 -18.58 -12.97
N GLU A 340 -18.72 -18.25 -11.81
CA GLU A 340 -17.84 -19.18 -11.12
C GLU A 340 -18.58 -20.46 -10.79
N GLY A 341 -19.71 -20.33 -10.10
CA GLY A 341 -20.48 -21.49 -9.77
C GLY A 341 -20.93 -22.23 -11.00
N MET A 342 -21.30 -21.50 -12.05
CA MET A 342 -21.71 -22.18 -13.26
C MET A 342 -20.57 -22.96 -13.86
N VAL A 343 -19.45 -22.28 -14.11
CA VAL A 343 -18.29 -22.99 -14.65
C VAL A 343 -17.93 -24.18 -13.76
N GLY A 344 -17.92 -23.97 -12.44
CA GLY A 344 -17.59 -25.06 -11.53
C GLY A 344 -18.62 -26.16 -11.48
N GLY A 345 -19.77 -25.97 -12.15
CA GLY A 345 -20.84 -26.94 -12.17
C GLY A 345 -21.34 -27.28 -10.77
N VAL A 346 -21.92 -26.31 -10.08
CA VAL A 346 -22.39 -26.50 -8.72
C VAL A 346 -23.83 -26.00 -8.62
N MET A 347 -24.59 -26.59 -7.69
CA MET A 347 -25.91 -26.09 -7.37
C MET A 347 -25.80 -24.71 -6.73
N LEU A 348 -26.55 -23.75 -7.26
CA LEU A 348 -26.46 -22.36 -6.84
C LEU A 348 -27.62 -22.04 -5.89
N LEU A 349 -27.28 -21.70 -4.66
CA LEU A 349 -28.29 -21.39 -3.65
C LEU A 349 -28.25 -19.89 -3.38
N ALA A 350 -29.27 -19.18 -3.85
CA ALA A 350 -29.27 -17.73 -3.84
C ALA A 350 -29.56 -17.18 -2.45
N TRP A 351 -28.84 -16.12 -2.08
CA TRP A 351 -29.22 -15.28 -0.94
C TRP A 351 -28.89 -13.83 -1.28
N PRO A 352 -29.64 -13.22 -2.18
CA PRO A 352 -29.21 -11.92 -2.72
C PRO A 352 -29.28 -10.87 -1.64
N MET A 353 -28.33 -9.96 -1.65
CA MET A 353 -28.35 -8.95 -0.61
C MET A 353 -28.24 -7.53 -1.14
N GLN A 354 -27.47 -7.28 -2.16
CA GLN A 354 -27.25 -5.89 -2.53
C GLN A 354 -26.74 -5.84 -3.97
N ALA A 355 -26.54 -4.63 -4.47
CA ALA A 355 -25.92 -4.40 -5.77
C ALA A 355 -26.82 -5.04 -6.83
N ASP A 356 -26.32 -5.98 -7.65
CA ASP A 356 -27.12 -6.63 -8.68
C ASP A 356 -27.69 -7.97 -8.26
N HIS A 357 -27.53 -8.36 -7.01
CA HIS A 357 -27.92 -9.70 -6.63
C HIS A 357 -29.35 -10.04 -6.98
N PHE A 358 -30.23 -9.03 -6.95
CA PHE A 358 -31.64 -9.29 -7.19
C PHE A 358 -31.93 -9.38 -8.67
N PHE A 359 -31.26 -8.57 -9.48
CA PHE A 359 -31.31 -8.77 -10.92
C PHE A 359 -30.84 -10.16 -11.29
N ASN A 360 -29.79 -10.65 -10.65
CA ASN A 360 -29.36 -12.02 -10.92
C ASN A 360 -30.38 -13.02 -10.43
N THR A 361 -30.95 -12.78 -9.24
CA THR A 361 -31.96 -13.69 -8.72
C THR A 361 -33.15 -13.76 -9.67
N THR A 362 -33.63 -12.60 -10.12
CA THR A 362 -34.71 -12.57 -11.09
C THR A 362 -34.34 -13.39 -12.32
N LEU A 363 -33.14 -13.19 -12.83
CA LEU A 363 -32.82 -13.87 -14.09
C LEU A 363 -32.60 -15.36 -13.87
N ILE A 364 -31.76 -15.71 -12.90
CA ILE A 364 -31.22 -17.06 -12.81
C ILE A 364 -32.21 -17.97 -12.10
N VAL A 365 -32.86 -17.48 -11.03
CA VAL A 365 -33.82 -18.31 -10.29
C VAL A 365 -35.18 -18.31 -10.98
N ASP A 366 -35.75 -17.12 -11.16
CA ASP A 366 -37.13 -17.00 -11.66
C ASP A 366 -37.20 -17.29 -13.15
N LYS A 367 -36.65 -16.38 -13.94
CA LYS A 367 -36.79 -16.45 -15.38
C LYS A 367 -36.11 -17.68 -15.96
N LEU A 368 -35.10 -18.22 -15.32
CA LEU A 368 -34.37 -19.33 -15.92
C LEU A 368 -34.48 -20.65 -15.19
N ARG A 369 -35.01 -20.64 -13.96
CA ARG A 369 -35.13 -21.84 -13.12
C ARG A 369 -33.84 -22.69 -13.18
N ALA A 370 -32.73 -22.03 -12.89
CA ALA A 370 -31.39 -22.61 -12.86
C ALA A 370 -30.72 -22.40 -11.51
N ALA A 371 -31.43 -21.84 -10.54
CA ALA A 371 -30.95 -21.69 -9.18
C ALA A 371 -32.15 -21.90 -8.27
N VAL A 372 -31.94 -21.65 -6.98
CA VAL A 372 -32.97 -21.80 -5.96
C VAL A 372 -32.70 -20.78 -4.85
N ARG A 373 -33.72 -20.01 -4.48
CA ARG A 373 -33.53 -18.85 -3.61
C ARG A 373 -33.71 -19.30 -2.17
N VAL A 374 -32.65 -19.14 -1.38
CA VAL A 374 -32.55 -19.69 -0.04
C VAL A 374 -32.57 -18.60 1.03
N GLY A 375 -32.25 -17.36 0.70
CA GLY A 375 -32.53 -16.24 1.57
C GLY A 375 -33.32 -15.18 0.83
N GLU A 376 -34.20 -14.51 1.56
CA GLU A 376 -34.98 -13.47 0.89
C GLU A 376 -34.19 -12.18 0.76
N ASN A 377 -33.69 -11.67 1.88
CA ASN A 377 -33.41 -10.27 2.00
C ASN A 377 -31.99 -10.04 2.50
N ARG A 378 -31.52 -8.85 2.21
CA ARG A 378 -30.18 -8.45 2.57
C ARG A 378 -29.92 -8.66 4.06
N ASP A 379 -30.99 -8.59 4.87
CA ASP A 379 -31.04 -8.86 6.32
C ASP A 379 -32.14 -9.87 6.64
N SER A 380 -32.18 -10.96 5.86
CA SER A 380 -33.09 -12.07 6.14
C SER A 380 -32.42 -12.98 7.17
N VAL A 381 -33.24 -13.77 7.88
CA VAL A 381 -32.76 -14.99 8.53
C VAL A 381 -33.71 -16.10 8.14
N PRO A 382 -33.22 -17.19 7.56
CA PRO A 382 -34.08 -18.37 7.39
C PRO A 382 -34.06 -19.14 8.70
N ASP A 383 -35.16 -19.82 8.99
CA ASP A 383 -35.14 -20.62 10.21
C ASP A 383 -34.16 -21.75 9.97
N SER A 384 -33.15 -21.82 10.84
CA SER A 384 -31.99 -22.69 10.61
C SER A 384 -32.43 -24.10 10.25
N ASP A 385 -33.54 -24.55 10.82
CA ASP A 385 -33.88 -25.96 10.82
C ASP A 385 -34.38 -26.40 9.44
N LYS A 386 -35.28 -25.62 8.82
CA LYS A 386 -35.76 -25.93 7.48
C LYS A 386 -34.80 -25.44 6.39
N LEU A 387 -34.04 -24.39 6.67
CA LEU A 387 -32.93 -24.07 5.78
C LEU A 387 -31.95 -25.22 5.70
N ALA A 388 -31.60 -25.81 6.85
CA ALA A 388 -30.77 -27.01 6.88
C ALA A 388 -31.41 -28.14 6.08
N ARG A 389 -32.74 -28.18 6.04
CA ARG A 389 -33.44 -29.28 5.37
C ARG A 389 -33.22 -29.30 3.87
N ILE A 390 -33.54 -28.20 3.18
CA ILE A 390 -33.45 -28.20 1.72
C ILE A 390 -32.05 -27.87 1.22
N LEU A 391 -31.17 -27.33 2.06
CA LEU A 391 -29.76 -27.32 1.68
C LEU A 391 -29.21 -28.74 1.64
N ALA A 392 -29.58 -29.58 2.63
CA ALA A 392 -29.15 -30.97 2.59
C ALA A 392 -29.78 -31.71 1.41
N GLU A 393 -31.03 -31.36 1.04
CA GLU A 393 -31.68 -31.91 -0.15
C GLU A 393 -30.91 -31.55 -1.43
N SER A 394 -29.97 -30.60 -1.36
CA SER A 394 -29.08 -30.29 -2.47
C SER A 394 -27.75 -31.04 -2.35
N ALA A 395 -27.66 -31.99 -1.41
CA ALA A 395 -26.69 -33.07 -1.45
C ALA A 395 -27.27 -34.30 -2.15
N ARG A 396 -28.33 -34.12 -2.93
CA ARG A 396 -28.97 -35.24 -3.64
C ARG A 396 -28.09 -35.78 -4.78
N GLU A 397 -27.43 -34.94 -5.59
CA GLU A 397 -27.59 -33.49 -5.79
C GLU A 397 -28.37 -33.19 -7.04
N ASP A 398 -28.98 -34.19 -7.65
CA ASP A 398 -29.54 -34.00 -9.00
C ASP A 398 -30.90 -33.32 -8.99
N LEU A 399 -30.91 -32.13 -8.39
CA LEU A 399 -32.06 -31.25 -8.47
C LEU A 399 -32.10 -30.61 -9.86
N PRO A 400 -33.27 -30.56 -10.50
CA PRO A 400 -33.31 -30.07 -11.90
C PRO A 400 -32.81 -28.65 -12.07
N GLU A 401 -32.51 -27.96 -10.96
CA GLU A 401 -31.78 -26.70 -11.04
C GLU A 401 -30.40 -26.93 -11.61
N ARG A 402 -29.72 -27.93 -11.08
CA ARG A 402 -28.39 -28.30 -11.55
C ARG A 402 -28.43 -28.75 -13.00
N VAL A 403 -29.46 -29.47 -13.40
CA VAL A 403 -29.52 -29.89 -14.79
C VAL A 403 -29.77 -28.70 -15.70
N THR A 404 -30.58 -27.73 -15.24
CA THR A 404 -30.75 -26.51 -16.01
C THR A 404 -29.44 -25.74 -16.11
N LEU A 405 -28.74 -25.58 -14.98
CA LEU A 405 -27.48 -24.84 -14.99
C LEU A 405 -26.40 -25.54 -15.82
N MET A 406 -26.38 -26.88 -15.84
CA MET A 406 -25.37 -27.58 -16.64
C MET A 406 -25.52 -27.27 -18.12
N LYS A 407 -26.76 -27.32 -18.63
CA LYS A 407 -27.00 -26.97 -20.02
C LYS A 407 -26.63 -25.53 -20.30
N LEU A 408 -26.85 -24.65 -19.32
CA LEU A 408 -26.31 -23.30 -19.41
C LEU A 408 -24.79 -23.31 -19.50
N ARG A 409 -24.13 -24.15 -18.72
CA ARG A 409 -22.68 -24.17 -18.72
C ARG A 409 -22.12 -24.70 -20.04
N GLU A 410 -22.76 -25.74 -20.60
CA GLU A 410 -22.36 -26.23 -21.92
C GLU A 410 -22.34 -25.09 -22.92
N LYS A 411 -23.36 -24.22 -22.87
CA LYS A 411 -23.45 -23.09 -23.80
C LYS A 411 -22.40 -22.05 -23.49
N ALA A 412 -22.09 -21.84 -22.20
CA ALA A 412 -21.00 -20.95 -21.79
C ALA A 412 -19.66 -21.47 -22.25
N MET A 413 -19.42 -22.77 -22.12
CA MET A 413 -18.17 -23.35 -22.59
C MET A 413 -18.04 -23.23 -24.09
N GLU A 414 -19.08 -23.63 -24.83
CA GLU A 414 -19.08 -23.42 -26.28
C GLU A 414 -18.87 -21.96 -26.63
N ALA A 415 -19.36 -21.04 -25.78
CA ALA A 415 -19.24 -19.60 -26.04
C ALA A 415 -17.78 -19.14 -26.08
N ILE A 416 -16.92 -19.72 -25.22
CA ILE A 416 -15.56 -19.24 -25.00
C ILE A 416 -14.56 -20.04 -25.83
N LYS A 417 -14.84 -21.32 -26.07
CA LYS A 417 -13.96 -22.09 -26.93
C LYS A 417 -14.15 -21.62 -28.37
N GLU A 418 -13.18 -21.97 -29.24
CA GLU A 418 -13.04 -21.33 -30.53
C GLU A 418 -14.34 -21.37 -31.33
N GLY A 419 -14.55 -20.31 -32.11
CA GLY A 419 -15.76 -20.12 -32.88
C GLY A 419 -16.95 -19.60 -32.10
N GLY A 420 -16.84 -19.51 -30.75
CA GLY A 420 -17.96 -19.12 -29.92
C GLY A 420 -18.17 -17.62 -29.87
N SER A 421 -19.37 -17.21 -29.44
CA SER A 421 -19.76 -15.81 -29.49
C SER A 421 -18.76 -14.95 -28.75
N SER A 422 -18.42 -15.34 -27.53
CA SER A 422 -17.49 -14.53 -26.74
C SER A 422 -16.09 -14.55 -27.33
N TYR A 423 -15.57 -15.72 -27.70
CA TYR A 423 -14.27 -15.76 -28.33
C TYR A 423 -14.22 -14.80 -29.51
N LYS A 424 -15.10 -15.00 -30.49
CA LYS A 424 -15.14 -14.14 -31.65
C LYS A 424 -15.26 -12.68 -31.24
N ASN A 425 -15.92 -12.43 -30.11
CA ASN A 425 -16.04 -11.06 -29.61
C ASN A 425 -14.71 -10.56 -29.06
N LEU A 426 -13.93 -11.43 -28.43
CA LEU A 426 -12.61 -10.99 -28.01
C LEU A 426 -11.77 -10.61 -29.20
N ASP A 427 -11.86 -11.37 -30.30
CA ASP A 427 -11.10 -11.02 -31.49
C ASP A 427 -11.52 -9.67 -32.05
N GLU A 428 -12.82 -9.47 -32.27
CA GLU A 428 -13.28 -8.23 -32.88
C GLU A 428 -13.00 -7.02 -32.02
N LEU A 429 -12.94 -7.21 -30.71
CA LEU A 429 -12.67 -6.09 -29.82
C LEU A 429 -11.24 -5.62 -30.00
N VAL A 430 -10.28 -6.55 -29.98
CA VAL A 430 -8.90 -6.19 -30.24
C VAL A 430 -8.78 -5.57 -31.63
N ALA A 431 -9.41 -6.19 -32.61
CA ALA A 431 -9.39 -5.67 -33.97
C ALA A 431 -9.89 -4.24 -34.02
N GLU A 432 -10.98 -3.94 -33.31
CA GLU A 432 -11.59 -2.62 -33.41
C GLU A 432 -10.76 -1.54 -32.75
N MET A 433 -9.93 -1.86 -31.76
CA MET A 433 -9.18 -0.81 -31.09
C MET A 433 -8.15 -0.17 -32.02
N CYS A 434 -7.74 -0.86 -33.07
CA CYS A 434 -6.76 -0.28 -33.99
C CYS A 434 -7.40 0.86 -34.77
N LEU A 435 -8.67 0.68 -35.14
CA LEU A 435 -9.45 1.67 -35.91
C LEU A 435 -9.36 3.09 -35.33
N LYS B 7 17.70 28.96 -13.77
CA LYS B 7 18.76 29.12 -12.78
C LYS B 7 18.59 28.14 -11.62
N LYS B 8 17.46 27.43 -11.62
CA LYS B 8 17.07 26.45 -10.61
C LYS B 8 16.96 25.06 -11.23
N PRO B 9 17.34 24.04 -10.48
CA PRO B 9 17.56 22.72 -11.06
C PRO B 9 16.30 21.87 -11.09
N HIS B 10 16.43 20.70 -11.70
CA HIS B 10 15.44 19.64 -11.62
C HIS B 10 16.13 18.45 -10.97
N VAL B 11 15.63 18.03 -9.81
CA VAL B 11 16.29 17.02 -8.99
C VAL B 11 15.40 15.78 -8.90
N LEU B 12 16.01 14.61 -8.99
CA LEU B 12 15.29 13.35 -8.87
C LEU B 12 15.74 12.67 -7.59
N VAL B 13 14.88 12.60 -6.61
CA VAL B 13 15.35 12.05 -5.36
C VAL B 13 14.86 10.61 -5.22
N ILE B 14 15.66 9.82 -4.54
CA ILE B 14 15.50 8.37 -4.41
C ILE B 14 15.77 8.08 -2.94
N PRO B 15 14.82 8.31 -2.05
CA PRO B 15 15.02 7.99 -0.63
C PRO B 15 15.03 6.49 -0.35
N PHE B 16 15.80 6.10 0.67
CA PHE B 16 15.87 4.70 1.08
C PHE B 16 14.71 4.39 2.03
N PRO B 17 13.90 3.35 1.76
CA PRO B 17 12.67 3.13 2.53
C PRO B 17 12.91 2.62 3.95
N GLN B 18 13.43 3.48 4.82
CA GLN B 18 13.50 3.25 6.25
C GLN B 18 13.25 4.61 6.88
N SER B 19 12.56 4.64 8.01
CA SER B 19 12.18 5.93 8.60
C SER B 19 13.38 6.84 8.72
N GLY B 20 14.42 6.35 9.43
CA GLY B 20 15.59 7.15 9.76
C GLY B 20 16.24 7.81 8.56
N HIS B 21 16.24 7.12 7.41
CA HIS B 21 16.75 7.74 6.20
C HIS B 21 15.74 8.64 5.54
N MET B 22 14.53 8.13 5.38
CA MET B 22 13.53 8.77 4.53
C MET B 22 13.11 10.13 5.06
N VAL B 23 12.77 10.20 6.35
CA VAL B 23 12.22 11.43 6.92
C VAL B 23 13.14 12.64 6.67
N PRO B 24 14.44 12.58 7.04
CA PRO B 24 15.31 13.72 6.67
C PRO B 24 15.42 13.93 5.18
N HIS B 25 15.48 12.86 4.39
CA HIS B 25 15.58 13.03 2.94
C HIS B 25 14.46 13.92 2.39
N LEU B 26 13.24 13.66 2.82
CA LEU B 26 12.15 14.48 2.34
C LEU B 26 12.16 15.84 3.01
N ASP B 27 12.64 15.91 4.26
CA ASP B 27 12.90 17.20 4.91
C ASP B 27 13.89 18.02 4.12
N LEU B 28 14.85 17.34 3.48
CA LEU B 28 15.77 18.01 2.59
C LEU B 28 15.08 18.46 1.33
N THR B 29 14.17 17.62 0.81
CA THR B 29 13.44 17.94 -0.40
C THR B 29 12.61 19.21 -0.21
N HIS B 30 12.10 19.43 1.02
CA HIS B 30 11.43 20.67 1.32
C HIS B 30 12.39 21.84 1.18
N GLN B 31 13.63 21.69 1.69
CA GLN B 31 14.61 22.78 1.56
C GLN B 31 15.04 23.00 0.12
N ILE B 32 15.23 21.93 -0.64
CA ILE B 32 15.56 22.09 -2.05
C ILE B 32 14.45 22.87 -2.75
N LEU B 33 13.20 22.48 -2.47
CA LEU B 33 12.06 23.13 -3.12
C LEU B 33 11.86 24.56 -2.61
N LEU B 34 12.00 24.76 -1.30
CA LEU B 34 11.93 26.10 -0.73
C LEU B 34 12.88 27.05 -1.45
N ARG B 35 14.00 26.54 -1.97
CA ARG B 35 14.98 27.34 -2.67
C ARG B 35 14.73 27.41 -4.18
N GLY B 36 13.57 27.00 -4.64
CA GLY B 36 13.20 27.19 -6.01
C GLY B 36 13.34 25.97 -6.90
N ALA B 37 13.82 24.85 -6.37
CA ALA B 37 14.06 23.71 -7.23
C ALA B 37 12.74 23.06 -7.63
N THR B 38 12.86 22.13 -8.54
CA THR B 38 11.75 21.31 -9.01
C THR B 38 12.19 19.87 -8.86
N VAL B 39 11.41 19.06 -8.15
CA VAL B 39 11.90 17.74 -7.83
C VAL B 39 10.91 16.69 -8.26
N THR B 40 11.43 15.50 -8.51
CA THR B 40 10.64 14.29 -8.74
C THR B 40 11.17 13.17 -7.86
N VAL B 41 10.30 12.62 -7.02
CA VAL B 41 10.66 11.64 -6.02
C VAL B 41 10.25 10.26 -6.53
N LEU B 42 11.21 9.35 -6.64
CA LEU B 42 10.94 7.97 -7.02
C LEU B 42 10.69 7.17 -5.76
N VAL B 43 9.51 6.54 -5.67
CA VAL B 43 9.17 5.70 -4.54
C VAL B 43 8.44 4.47 -5.06
N THR B 44 8.18 3.61 -4.18
CA THR B 44 7.46 2.37 -4.34
C THR B 44 6.07 2.48 -3.71
N PRO B 45 5.04 1.80 -4.30
CA PRO B 45 3.65 2.04 -3.89
C PRO B 45 3.37 2.36 -2.42
N LYS B 46 3.81 1.52 -1.48
CA LYS B 46 3.45 1.80 -0.09
C LYS B 46 4.25 2.93 0.51
N ASN B 47 5.44 3.19 -0.01
CA ASN B 47 6.22 4.36 0.38
C ASN B 47 5.65 5.66 -0.18
N SER B 48 4.62 5.62 -1.04
CA SER B 48 4.07 6.88 -1.55
C SER B 48 3.30 7.61 -0.46
N SER B 49 2.56 6.86 0.35
CA SER B 49 1.84 7.47 1.47
C SER B 49 2.75 8.38 2.28
N TYR B 50 4.02 7.99 2.45
CA TYR B 50 5.00 8.81 3.16
C TYR B 50 4.95 10.25 2.68
N LEU B 51 5.21 10.46 1.40
CA LEU B 51 5.41 11.79 0.84
C LEU B 51 4.11 12.58 0.65
N ASP B 52 3.06 12.23 1.39
CA ASP B 52 1.79 12.93 1.25
C ASP B 52 1.92 14.41 1.61
N ALA B 53 2.44 14.71 2.82
CA ALA B 53 2.53 16.09 3.30
C ALA B 53 3.36 16.98 2.39
N LEU B 54 4.38 16.45 1.76
CA LEU B 54 5.17 17.28 0.87
C LEU B 54 4.37 17.59 -0.40
N ARG B 55 3.62 16.60 -0.89
CA ARG B 55 2.74 16.76 -2.04
C ARG B 55 1.71 17.84 -1.81
N SER B 56 1.28 18.01 -0.55
CA SER B 56 0.33 19.06 -0.24
C SER B 56 1.00 20.42 -0.32
N LEU B 57 2.10 20.61 0.40
CA LEU B 57 2.69 21.93 0.50
C LEU B 57 3.28 22.43 -0.82
N HIS B 58 3.45 21.57 -1.83
CA HIS B 58 4.03 22.00 -3.08
C HIS B 58 3.16 21.61 -4.27
N SER B 59 3.13 22.50 -5.26
CA SER B 59 2.23 22.36 -6.39
C SER B 59 2.70 21.24 -7.30
N PRO B 60 1.78 20.56 -7.97
CA PRO B 60 2.16 19.53 -8.94
C PRO B 60 3.07 20.06 -10.03
N GLU B 61 3.19 21.38 -10.18
CA GLU B 61 4.09 21.90 -11.19
C GLU B 61 5.54 21.67 -10.80
N HIS B 62 5.85 21.83 -9.51
CA HIS B 62 7.22 21.76 -9.01
C HIS B 62 7.57 20.43 -8.34
N PHE B 63 6.58 19.64 -7.94
CA PHE B 63 6.78 18.41 -7.18
C PHE B 63 6.07 17.26 -7.86
N LYS B 64 6.82 16.22 -8.23
CA LYS B 64 6.29 15.07 -8.95
C LYS B 64 6.75 13.78 -8.31
N THR B 65 5.91 12.75 -8.41
CA THR B 65 6.18 11.43 -7.87
C THR B 65 6.33 10.45 -9.03
N LEU B 66 7.34 9.60 -8.96
CA LEU B 66 7.53 8.52 -9.91
C LEU B 66 7.46 7.25 -9.10
N ILE B 67 6.33 6.57 -9.18
CA ILE B 67 6.10 5.38 -8.38
C ILE B 67 6.41 4.20 -9.28
N LEU B 68 7.37 3.40 -8.88
CA LEU B 68 7.53 2.22 -9.70
C LEU B 68 7.24 1.01 -8.84
N PRO B 69 6.65 -0.04 -9.41
CA PRO B 69 6.33 -1.23 -8.62
C PRO B 69 7.57 -1.85 -8.01
N PHE B 70 7.46 -2.20 -6.73
CA PHE B 70 8.57 -2.78 -5.96
C PHE B 70 9.05 -4.08 -6.58
N PRO B 71 10.33 -4.18 -6.97
CA PRO B 71 10.83 -5.44 -7.52
C PRO B 71 10.65 -6.57 -6.53
N SER B 72 10.16 -7.71 -7.01
CA SER B 72 9.88 -8.84 -6.13
C SER B 72 11.15 -9.58 -5.71
N HIS B 73 11.18 -10.02 -4.45
CA HIS B 73 12.32 -10.72 -3.87
C HIS B 73 11.86 -11.90 -3.02
N PRO B 74 12.55 -13.03 -3.13
CA PRO B 74 12.15 -14.21 -2.37
C PRO B 74 12.41 -14.10 -0.88
N CYS B 75 13.34 -13.23 -0.48
CA CYS B 75 13.75 -13.06 0.91
C CYS B 75 13.03 -11.93 1.61
N ILE B 76 12.13 -11.23 0.92
CA ILE B 76 11.25 -10.25 1.57
C ILE B 76 9.85 -10.87 1.64
N PRO B 77 9.15 -10.75 2.77
CA PRO B 77 7.77 -11.21 2.81
C PRO B 77 6.93 -10.38 1.87
N SER B 78 5.93 -11.03 1.24
CA SER B 78 5.15 -10.37 0.22
C SER B 78 4.44 -9.13 0.74
N GLY B 79 4.43 -8.09 -0.10
CA GLY B 79 3.71 -6.87 0.16
C GLY B 79 4.41 -5.91 1.10
N VAL B 80 5.59 -6.27 1.60
CA VAL B 80 6.41 -5.37 2.41
C VAL B 80 7.35 -4.65 1.46
N GLU B 81 7.44 -3.32 1.60
CA GLU B 81 8.22 -2.48 0.71
C GLU B 81 9.14 -1.53 1.46
N SER B 82 9.18 -1.57 2.79
CA SER B 82 10.14 -0.76 3.50
C SER B 82 10.71 -1.61 4.62
N LEU B 83 11.77 -1.09 5.22
CA LEU B 83 12.47 -1.81 6.26
C LEU B 83 11.89 -1.53 7.63
N GLN B 84 10.81 -0.73 7.71
CA GLN B 84 10.11 -0.53 8.97
C GLN B 84 9.83 -1.83 9.66
N GLN B 85 9.66 -2.89 8.88
CA GLN B 85 9.03 -4.10 9.32
C GLN B 85 10.01 -5.26 9.46
N LEU B 86 10.93 -5.42 8.54
CA LEU B 86 11.95 -6.43 8.66
C LEU B 86 12.94 -6.01 9.75
N PRO B 87 13.71 -6.96 10.30
CA PRO B 87 14.79 -6.59 11.23
C PRO B 87 15.95 -5.98 10.47
N LEU B 88 16.84 -5.30 11.19
CA LEU B 88 17.88 -4.58 10.46
C LEU B 88 18.74 -5.54 9.65
N GLU B 89 18.85 -6.79 10.11
CA GLU B 89 19.68 -7.77 9.41
C GLU B 89 19.16 -8.10 8.02
N ALA B 90 17.91 -7.75 7.72
CA ALA B 90 17.29 -7.99 6.44
C ALA B 90 17.41 -6.80 5.50
N ILE B 91 18.37 -5.92 5.74
CA ILE B 91 18.56 -4.78 4.84
C ILE B 91 19.26 -5.22 3.56
N VAL B 92 20.13 -6.22 3.65
CA VAL B 92 20.94 -6.62 2.50
C VAL B 92 20.04 -7.14 1.40
N HIS B 93 18.86 -7.66 1.75
CA HIS B 93 17.90 -8.03 0.72
C HIS B 93 17.16 -6.83 0.18
N MET B 94 16.80 -5.89 1.06
CA MET B 94 16.26 -4.63 0.57
C MET B 94 17.22 -4.00 -0.44
N PHE B 95 18.51 -4.29 -0.32
CA PHE B 95 19.51 -3.74 -1.23
C PHE B 95 19.43 -4.39 -2.58
N ASP B 96 19.35 -5.73 -2.61
CA ASP B 96 19.21 -6.45 -3.88
C ASP B 96 17.86 -6.17 -4.53
N ALA B 97 16.78 -6.29 -3.76
CA ALA B 97 15.48 -5.96 -4.31
C ALA B 97 15.50 -4.65 -5.10
N LEU B 98 15.78 -3.51 -4.42
CA LEU B 98 15.75 -2.20 -5.09
C LEU B 98 16.79 -2.05 -6.16
N SER B 99 17.84 -2.89 -6.12
CA SER B 99 18.81 -2.93 -7.20
C SER B 99 18.11 -3.11 -8.54
N ARG B 100 17.04 -3.93 -8.58
CA ARG B 100 16.26 -4.16 -9.78
C ARG B 100 15.48 -2.94 -10.25
N LEU B 101 15.34 -1.92 -9.40
CA LEU B 101 14.72 -0.67 -9.85
C LEU B 101 15.56 0.06 -10.90
N HIS B 102 16.74 -0.47 -11.22
CA HIS B 102 17.67 0.24 -12.07
C HIS B 102 17.12 0.37 -13.49
N ASP B 103 16.84 -0.78 -14.13
CA ASP B 103 16.28 -0.81 -15.49
C ASP B 103 15.06 0.07 -15.68
N PRO B 104 14.02 0.01 -14.84
CA PRO B 104 12.87 0.90 -15.05
C PRO B 104 13.21 2.38 -15.03
N LEU B 105 14.06 2.81 -14.10
CA LEU B 105 14.46 4.21 -14.09
C LEU B 105 15.16 4.56 -15.40
N VAL B 106 16.12 3.73 -15.79
CA VAL B 106 16.82 3.90 -17.06
C VAL B 106 15.81 4.01 -18.19
N ASP B 107 14.84 3.09 -18.24
CA ASP B 107 13.81 3.11 -19.26
C ASP B 107 13.01 4.42 -19.17
N PHE B 108 12.47 4.70 -17.98
CA PHE B 108 11.67 5.91 -17.78
C PHE B 108 12.43 7.17 -18.19
N LEU B 109 13.74 7.20 -17.87
CA LEU B 109 14.58 8.34 -18.19
C LEU B 109 14.84 8.48 -19.67
N SER B 110 14.74 7.39 -20.45
CA SER B 110 14.98 7.47 -21.89
C SER B 110 13.91 8.27 -22.60
N ARG B 111 12.65 8.18 -22.13
CA ARG B 111 11.47 8.86 -22.64
C ARG B 111 11.38 10.33 -22.26
N GLN B 112 12.45 10.96 -21.81
CA GLN B 112 12.27 12.31 -21.30
C GLN B 112 12.95 13.32 -22.22
N PRO B 113 12.27 14.41 -22.59
CA PRO B 113 12.98 15.53 -23.24
C PRO B 113 13.71 16.41 -22.23
N PRO B 114 15.04 16.56 -22.35
CA PRO B 114 15.74 17.52 -21.48
C PRO B 114 15.44 18.94 -21.91
N SER B 115 15.25 19.85 -20.94
CA SER B 115 15.20 19.53 -19.51
C SER B 115 13.76 19.27 -18.99
N ASP B 116 13.31 18.05 -19.22
CA ASP B 116 12.63 17.28 -18.17
C ASP B 116 13.61 16.30 -17.59
N LEU B 117 14.74 16.12 -18.27
CA LEU B 117 15.78 15.26 -17.80
C LEU B 117 16.50 15.97 -16.65
N PRO B 118 16.66 15.31 -15.51
CA PRO B 118 17.09 16.02 -14.30
C PRO B 118 18.55 16.46 -14.36
N ASP B 119 18.84 17.51 -13.61
CA ASP B 119 20.18 18.06 -13.55
C ASP B 119 21.02 17.36 -12.49
N ALA B 120 20.38 16.65 -11.56
CA ALA B 120 21.10 15.88 -10.56
C ALA B 120 20.13 14.91 -9.91
N ILE B 121 20.66 13.73 -9.53
CA ILE B 121 19.96 12.76 -8.70
C ILE B 121 20.41 12.96 -7.25
N LEU B 122 19.45 13.10 -6.35
CA LEU B 122 19.73 13.21 -4.92
C LEU B 122 19.24 11.93 -4.26
N GLY B 123 20.01 10.85 -4.44
CA GLY B 123 19.63 9.55 -3.94
C GLY B 123 20.32 9.21 -2.65
N SER B 124 19.85 8.12 -2.05
CA SER B 124 20.50 7.63 -0.85
C SER B 124 21.86 7.10 -1.19
N SER B 125 22.76 7.29 -0.24
CA SER B 125 24.06 6.67 -0.33
C SER B 125 23.98 5.13 -0.31
N PHE B 126 22.93 4.57 0.31
CA PHE B 126 22.73 3.12 0.37
C PHE B 126 22.38 2.51 -0.98
N LEU B 127 21.82 3.30 -1.88
CA LEU B 127 21.48 2.87 -3.22
C LEU B 127 22.45 3.42 -4.24
N SER B 128 23.57 3.97 -3.77
CA SER B 128 24.56 4.52 -4.67
C SER B 128 25.04 3.53 -5.74
N PRO B 129 25.35 2.25 -5.45
CA PRO B 129 25.90 1.40 -6.51
C PRO B 129 25.15 1.47 -7.83
N TRP B 130 23.83 1.35 -7.83
CA TRP B 130 23.12 1.35 -9.10
C TRP B 130 22.62 2.72 -9.52
N ILE B 131 22.30 3.60 -8.56
CA ILE B 131 21.95 4.96 -8.92
C ILE B 131 23.11 5.62 -9.62
N ASN B 132 24.32 5.41 -9.11
CA ASN B 132 25.46 6.02 -9.76
C ASN B 132 25.63 5.46 -11.16
N LYS B 133 25.26 4.19 -11.39
CA LYS B 133 25.27 3.67 -12.75
C LYS B 133 24.25 4.38 -13.63
N VAL B 134 23.08 4.69 -13.08
CA VAL B 134 22.08 5.48 -13.81
C VAL B 134 22.58 6.89 -14.06
N ALA B 135 23.02 7.57 -13.00
CA ALA B 135 23.39 8.99 -13.12
C ALA B 135 24.48 9.19 -14.15
N ASP B 136 25.38 8.21 -14.27
CA ASP B 136 26.42 8.26 -15.28
C ASP B 136 25.84 8.10 -16.68
N ALA B 137 25.02 7.07 -16.89
CA ALA B 137 24.51 6.81 -18.23
C ALA B 137 23.95 8.06 -18.85
N PHE B 138 23.23 8.85 -18.07
CA PHE B 138 22.60 10.06 -18.55
C PHE B 138 23.39 11.32 -18.22
N SER B 139 24.62 11.18 -17.73
CA SER B 139 25.50 12.31 -17.46
C SER B 139 24.87 13.31 -16.49
N ILE B 140 24.30 12.77 -15.41
CA ILE B 140 23.71 13.53 -14.32
C ILE B 140 24.56 13.37 -13.04
N LYS B 141 24.59 14.43 -12.22
CA LYS B 141 25.34 14.35 -10.98
C LYS B 141 24.64 13.43 -10.00
N SER B 142 25.37 12.44 -9.49
CA SER B 142 24.83 11.59 -8.42
C SER B 142 25.30 12.16 -7.10
N ILE B 143 24.39 12.76 -6.34
CA ILE B 143 24.72 13.32 -5.05
C ILE B 143 24.05 12.46 -3.98
N SER B 144 24.83 12.07 -2.98
CA SER B 144 24.40 11.06 -2.03
C SER B 144 23.91 11.69 -0.75
N PHE B 145 23.02 11.00 -0.07
CA PHE B 145 22.49 11.49 1.19
C PHE B 145 22.56 10.38 2.24
N LEU B 146 23.09 10.70 3.43
CA LEU B 146 23.12 9.85 4.61
C LEU B 146 22.57 10.62 5.80
N PRO B 147 21.73 9.99 6.64
CA PRO B 147 21.14 10.68 7.81
C PRO B 147 21.96 10.58 9.09
N ILE B 148 23.21 10.12 8.98
CA ILE B 148 24.16 9.95 10.07
C ILE B 148 25.26 11.00 9.97
N ASN B 149 25.90 11.27 11.10
CA ASN B 149 26.99 12.24 11.18
C ASN B 149 28.28 11.67 10.62
N ALA B 150 29.24 12.57 10.37
CA ALA B 150 30.48 12.18 9.75
C ALA B 150 31.38 11.42 10.71
N HIS B 151 31.12 11.48 12.02
CA HIS B 151 31.87 10.61 12.92
C HIS B 151 31.57 9.15 12.62
N SER B 152 30.27 8.82 12.44
CA SER B 152 29.88 7.46 12.04
C SER B 152 30.50 7.06 10.71
N ILE B 153 30.37 7.92 9.68
CA ILE B 153 30.90 7.62 8.35
C ILE B 153 32.39 7.33 8.42
N SER B 154 33.13 8.15 9.15
CA SER B 154 34.58 7.99 9.22
C SER B 154 34.97 6.68 9.89
N VAL B 155 34.23 6.26 10.91
CA VAL B 155 34.47 4.94 11.51
C VAL B 155 34.06 3.84 10.52
N MET B 156 32.93 4.02 9.87
CA MET B 156 32.41 2.95 9.02
C MET B 156 33.25 2.81 7.78
N TRP B 157 33.51 3.93 7.11
CA TRP B 157 34.25 3.87 5.87
C TRP B 157 35.67 3.38 6.12
N ALA B 158 36.22 3.64 7.32
CA ALA B 158 37.59 3.24 7.65
C ALA B 158 37.71 1.76 7.98
N GLN B 159 36.60 1.07 8.21
CA GLN B 159 36.63 -0.37 8.47
C GLN B 159 37.43 -1.13 7.42
N GLU B 160 38.20 -2.12 7.89
CA GLU B 160 38.85 -3.07 6.98
C GLU B 160 37.84 -4.04 6.37
N ASP B 161 37.06 -4.72 7.21
CA ASP B 161 35.97 -5.59 6.76
C ASP B 161 34.70 -4.74 6.81
N ARG B 162 34.27 -4.33 5.64
CA ARG B 162 33.08 -3.51 5.47
C ARG B 162 31.87 -4.34 5.09
N SER B 163 32.00 -5.67 5.09
CA SER B 163 30.95 -6.57 4.66
C SER B 163 30.23 -6.10 3.41
N PHE B 164 28.92 -6.25 3.40
CA PHE B 164 28.16 -5.93 2.21
C PHE B 164 27.92 -4.43 2.05
N PHE B 165 28.33 -3.62 3.02
CA PHE B 165 28.29 -2.18 2.84
C PHE B 165 29.41 -1.71 1.93
N ASN B 166 30.35 -2.60 1.58
CA ASN B 166 31.53 -2.22 0.81
C ASN B 166 31.10 -1.50 -0.46
N ASP B 167 30.13 -2.08 -1.16
CA ASP B 167 29.70 -1.51 -2.42
C ASP B 167 29.13 -0.12 -2.22
N LEU B 168 28.13 0.02 -1.34
CA LEU B 168 27.53 1.34 -1.15
C LEU B 168 28.55 2.37 -0.65
N GLU B 169 29.54 1.95 0.14
CA GLU B 169 30.53 2.91 0.65
C GLU B 169 31.47 3.35 -0.46
N THR B 170 31.90 2.41 -1.31
CA THR B 170 32.72 2.79 -2.47
C THR B 170 31.92 3.65 -3.44
N ALA B 171 30.67 3.26 -3.71
CA ALA B 171 29.82 4.05 -4.59
C ALA B 171 29.62 5.46 -4.04
N THR B 172 29.36 5.59 -2.74
CA THR B 172 29.22 6.91 -2.12
C THR B 172 30.48 7.74 -2.30
N THR B 173 31.64 7.10 -2.16
CA THR B 173 32.94 7.75 -2.32
C THR B 173 33.16 8.24 -3.74
N GLU B 174 32.48 7.65 -4.72
CA GLU B 174 32.69 8.01 -6.10
C GLU B 174 31.64 8.97 -6.62
N SER B 175 30.58 9.24 -5.85
CA SER B 175 29.55 10.16 -6.28
C SER B 175 30.12 11.57 -6.43
N TYR B 176 29.27 12.46 -6.93
CA TYR B 176 29.64 13.87 -7.02
C TYR B 176 30.02 14.42 -5.65
N GLY B 177 29.20 14.19 -4.64
CA GLY B 177 29.47 14.66 -3.31
C GLY B 177 28.62 13.91 -2.32
N LEU B 178 28.60 14.38 -1.10
CA LEU B 178 27.78 13.73 -0.10
C LEU B 178 27.11 14.78 0.76
N VAL B 179 25.82 14.61 0.99
CA VAL B 179 25.06 15.43 1.93
C VAL B 179 24.81 14.60 3.18
N ILE B 180 25.08 15.18 4.35
CA ILE B 180 24.75 14.56 5.62
C ILE B 180 23.90 15.50 6.47
N ASN B 181 23.28 14.88 7.47
CA ASN B 181 22.37 15.56 8.38
C ASN B 181 23.15 15.81 9.67
N SER B 182 24.06 16.77 9.56
CA SER B 182 24.83 17.23 10.69
C SER B 182 25.18 18.67 10.39
N PHE B 183 25.70 19.36 11.40
CA PHE B 183 26.26 20.70 11.24
C PHE B 183 27.75 20.69 11.53
N TYR B 184 28.46 21.62 10.89
CA TYR B 184 29.91 21.51 10.84
C TYR B 184 30.53 21.65 12.23
N ASP B 185 30.19 22.71 12.97
CA ASP B 185 30.86 22.99 14.23
C ASP B 185 30.79 21.86 15.24
N LEU B 186 29.93 20.86 15.04
CA LEU B 186 29.76 19.74 15.96
C LEU B 186 30.90 18.74 15.88
N GLU B 187 31.33 18.48 14.64
CA GLU B 187 32.31 17.44 14.35
C GLU B 187 33.11 17.92 13.16
N PRO B 188 33.88 18.99 13.31
CA PRO B 188 34.66 19.44 12.15
C PRO B 188 35.73 18.43 11.76
N GLU B 189 36.36 17.75 12.74
CA GLU B 189 37.42 16.81 12.38
C GLU B 189 36.92 15.70 11.50
N PHE B 190 35.70 15.25 11.73
CA PHE B 190 35.20 14.11 10.97
C PHE B 190 34.61 14.55 9.65
N VAL B 191 33.97 15.71 9.60
CA VAL B 191 33.61 16.30 8.32
C VAL B 191 34.84 16.38 7.44
N GLU B 192 35.96 16.87 7.99
CA GLU B 192 37.19 16.95 7.20
C GLU B 192 37.81 15.58 6.95
N THR B 193 37.69 14.66 7.90
CA THR B 193 38.15 13.31 7.65
C THR B 193 37.50 12.77 6.41
N VAL B 194 36.17 12.71 6.43
CA VAL B 194 35.37 12.16 5.35
C VAL B 194 35.67 12.86 4.04
N LYS B 195 35.65 14.19 4.09
CA LYS B 195 35.83 15.00 2.89
C LYS B 195 37.16 14.70 2.23
N THR B 196 38.23 14.70 3.01
CA THR B 196 39.55 14.46 2.47
C THR B 196 39.84 12.96 2.30
N ARG B 197 39.47 12.13 3.28
CA ARG B 197 39.93 10.75 3.36
C ARG B 197 39.05 9.76 2.60
N PHE B 198 37.76 10.09 2.38
CA PHE B 198 36.81 9.13 1.82
C PHE B 198 35.93 9.68 0.69
N LEU B 199 36.21 10.87 0.16
CA LEU B 199 35.39 11.42 -0.91
C LEU B 199 36.29 11.79 -2.05
N ASN B 200 36.10 11.14 -3.20
CA ASN B 200 37.04 11.29 -4.31
C ASN B 200 37.07 12.71 -4.83
N HIS B 201 35.93 13.38 -4.91
CA HIS B 201 35.93 14.77 -5.30
C HIS B 201 35.74 15.72 -4.12
N HIS B 202 35.87 15.23 -2.88
CA HIS B 202 35.99 16.07 -1.69
C HIS B 202 34.84 17.07 -1.59
N ARG B 203 33.63 16.66 -2.00
CA ARG B 203 32.45 17.52 -1.87
C ARG B 203 31.54 16.97 -0.78
N ILE B 204 31.32 17.76 0.27
CA ILE B 204 30.45 17.34 1.37
C ILE B 204 29.69 18.55 1.88
N TRP B 205 28.37 18.42 1.98
CA TRP B 205 27.50 19.48 2.48
C TRP B 205 26.91 19.02 3.81
N THR B 206 27.15 19.79 4.87
CA THR B 206 26.48 19.54 6.13
C THR B 206 25.25 20.43 6.20
N VAL B 207 24.10 19.80 6.42
CA VAL B 207 22.81 20.46 6.25
C VAL B 207 21.96 20.42 7.51
N GLY B 208 22.26 19.55 8.48
CA GLY B 208 21.48 19.43 9.69
C GLY B 208 21.62 20.59 10.64
N PRO B 209 20.76 20.65 11.67
CA PRO B 209 19.67 19.70 11.85
C PRO B 209 18.53 20.00 10.90
N LEU B 210 18.24 19.01 10.08
CA LEU B 210 17.10 19.06 9.19
C LEU B 210 15.82 19.09 10.02
N LEU B 211 15.20 20.20 10.08
CA LEU B 211 13.99 20.17 10.87
C LEU B 211 12.81 19.69 10.03
N PRO B 212 11.83 19.03 10.63
CA PRO B 212 10.62 18.64 9.90
C PRO B 212 9.62 19.80 9.83
N PHE B 213 8.76 19.73 8.83
CA PHE B 213 7.81 20.78 8.47
C PHE B 213 6.39 20.41 8.88
N LYS B 214 5.51 21.42 8.87
CA LYS B 214 4.11 21.25 9.26
C LYS B 214 3.16 21.49 8.08
N GLN B 222 -0.66 7.35 12.83
CA GLN B 222 -1.96 7.51 13.48
C GLN B 222 -2.62 6.15 13.78
N SER B 223 -2.94 5.80 15.04
CA SER B 223 -2.65 6.46 16.35
C SER B 223 -3.31 5.69 17.50
N SER B 224 -2.65 5.58 18.65
CA SER B 224 -3.31 5.03 19.83
C SER B 224 -4.06 6.10 20.61
N ILE B 225 -3.45 7.26 20.76
CA ILE B 225 -3.98 8.39 21.51
C ILE B 225 -3.79 9.61 20.62
N PRO B 226 -4.80 10.46 20.43
CA PRO B 226 -4.67 11.53 19.45
C PRO B 226 -3.63 12.53 19.90
N PRO B 227 -3.03 13.26 18.98
CA PRO B 227 -1.98 14.21 19.36
C PRO B 227 -2.47 15.28 20.35
N ALA B 228 -3.77 15.54 20.43
CA ALA B 228 -4.26 16.59 21.31
C ALA B 228 -4.36 16.13 22.77
N LYS B 229 -4.86 14.92 23.01
CA LYS B 229 -4.97 14.45 24.39
C LYS B 229 -3.59 14.33 25.05
N VAL B 230 -2.54 14.07 24.27
CA VAL B 230 -1.22 14.06 24.89
C VAL B 230 -0.78 15.49 25.23
N SER B 231 -1.18 16.49 24.43
CA SER B 231 -0.83 17.88 24.76
C SER B 231 -1.58 18.34 26.02
N ALA B 232 -2.85 17.94 26.15
CA ALA B 232 -3.59 18.21 27.38
C ALA B 232 -2.93 17.54 28.58
N TRP B 233 -2.34 16.36 28.39
CA TRP B 233 -1.57 15.75 29.46
C TRP B 233 -0.40 16.64 29.84
N LEU B 234 0.32 17.14 28.82
CA LEU B 234 1.44 18.06 29.04
C LEU B 234 1.01 19.28 29.80
N ASP B 235 -0.13 19.83 29.44
CA ASP B 235 -0.62 21.02 30.13
C ASP B 235 -0.75 20.75 31.61
N SER B 236 -1.20 19.54 31.96
CA SER B 236 -1.38 19.14 33.34
C SER B 236 -0.05 18.95 34.08
N CYS B 237 1.09 19.14 33.43
CA CYS B 237 2.41 19.04 34.07
C CYS B 237 3.22 20.33 33.98
N PRO B 238 3.05 21.27 34.91
CA PRO B 238 4.20 21.99 35.47
C PRO B 238 4.64 21.32 36.77
N GLU B 239 5.92 21.53 37.15
CA GLU B 239 6.91 22.44 36.57
C GLU B 239 7.54 21.97 35.24
N ASP B 240 8.38 22.83 34.64
CA ASP B 240 9.02 22.53 33.37
C ASP B 240 10.10 21.46 33.52
N ASN B 241 10.21 20.60 32.49
CA ASN B 241 11.15 19.49 32.40
C ASN B 241 10.81 18.32 33.32
N SER B 242 9.57 18.22 33.80
CA SER B 242 9.24 17.21 34.81
C SER B 242 9.39 15.80 34.25
N VAL B 243 8.82 15.58 33.08
CA VAL B 243 8.52 14.24 32.63
C VAL B 243 9.69 13.73 31.76
N VAL B 244 9.78 12.41 31.68
CA VAL B 244 10.74 11.71 30.85
C VAL B 244 10.01 11.06 29.68
N TYR B 245 10.58 11.20 28.48
CA TYR B 245 10.06 10.56 27.27
C TYR B 245 10.89 9.33 26.92
N VAL B 246 10.23 8.19 26.74
CA VAL B 246 10.89 6.91 26.51
C VAL B 246 10.40 6.35 25.18
N GLY B 247 11.30 6.19 24.21
CA GLY B 247 10.88 5.69 22.91
C GLY B 247 12.03 5.15 22.08
N PHE B 248 11.89 3.94 21.54
CA PHE B 248 12.95 3.36 20.75
C PHE B 248 12.55 2.92 19.36
N GLY B 249 11.28 2.75 19.07
CA GLY B 249 10.92 2.42 17.71
C GLY B 249 9.44 2.23 17.55
N SER B 250 9.03 1.77 16.36
CA SER B 250 9.81 1.02 15.35
C SER B 250 11.17 1.58 14.83
N GLN B 251 12.12 0.67 14.62
CA GLN B 251 11.86 -0.78 14.65
C GLN B 251 12.47 -1.50 15.86
N ILE B 252 13.07 -0.74 16.76
CA ILE B 252 13.80 -1.36 17.84
C ILE B 252 12.82 -2.03 18.78
N ARG B 253 13.01 -3.33 18.98
CA ARG B 253 12.17 -4.22 19.75
C ARG B 253 12.47 -4.05 21.24
N LEU B 254 11.56 -4.54 22.08
CA LEU B 254 11.55 -4.06 23.46
C LEU B 254 12.53 -4.80 24.39
N THR B 255 12.39 -6.11 24.62
CA THR B 255 11.24 -6.99 24.33
C THR B 255 11.10 -7.97 25.51
N ALA B 256 9.95 -8.65 25.55
CA ALA B 256 9.10 -8.85 26.74
C ALA B 256 9.72 -9.07 28.13
N GLU B 257 10.90 -9.70 28.24
CA GLU B 257 11.58 -9.77 29.54
C GLU B 257 12.32 -8.46 29.84
N GLN B 258 12.95 -7.87 28.82
CA GLN B 258 13.59 -6.57 29.00
C GLN B 258 12.57 -5.49 29.30
N THR B 259 11.38 -5.58 28.69
CA THR B 259 10.34 -4.58 28.91
C THR B 259 9.90 -4.54 30.36
N ALA B 260 9.71 -5.71 30.97
CA ALA B 260 9.35 -5.77 32.37
C ALA B 260 10.45 -5.16 33.24
N ALA B 261 11.72 -5.34 32.84
CA ALA B 261 12.81 -4.69 33.53
C ALA B 261 12.68 -3.17 33.45
N LEU B 262 12.27 -2.66 32.27
CA LEU B 262 12.09 -1.23 32.09
C LEU B 262 10.83 -0.71 32.77
N ALA B 263 9.72 -1.46 32.69
CA ALA B 263 8.51 -1.03 33.39
C ALA B 263 8.76 -0.95 34.89
N ALA B 264 9.51 -1.90 35.43
CA ALA B 264 9.91 -1.85 36.82
C ALA B 264 10.80 -0.64 37.08
N ALA B 265 11.71 -0.36 36.14
CA ALA B 265 12.60 0.77 36.29
C ALA B 265 11.82 2.08 36.32
N LEU B 266 10.75 2.15 35.55
CA LEU B 266 9.94 3.37 35.48
C LEU B 266 9.22 3.65 36.80
N GLU B 267 8.67 2.60 37.43
CA GLU B 267 7.84 2.75 38.64
C GLU B 267 8.67 3.17 39.84
N LYS B 268 9.83 2.52 40.05
CA LYS B 268 10.68 2.87 41.17
C LYS B 268 11.18 4.32 41.11
N SER B 269 11.10 4.96 39.93
CA SER B 269 11.62 6.30 39.69
C SER B 269 10.69 7.40 40.17
N SER B 270 9.39 7.11 40.25
CA SER B 270 8.37 8.01 40.78
C SER B 270 8.26 9.32 39.99
N VAL B 271 8.67 9.33 38.71
CA VAL B 271 8.58 10.51 37.86
C VAL B 271 7.57 10.25 36.75
N ARG B 272 6.87 11.30 36.34
CA ARG B 272 5.92 11.18 35.24
C ARG B 272 6.69 10.83 33.96
N PHE B 273 6.05 10.03 33.10
CA PHE B 273 6.70 9.60 31.86
C PHE B 273 5.71 9.53 30.73
N ILE B 274 6.24 9.38 29.52
CA ILE B 274 5.47 8.91 28.36
C ILE B 274 6.31 7.86 27.66
N TRP B 275 5.67 6.87 27.08
CA TRP B 275 6.40 5.69 26.65
C TRP B 275 5.68 5.06 25.47
N ALA B 276 6.19 5.33 24.27
CA ALA B 276 5.51 4.96 23.04
C ALA B 276 5.93 3.56 22.58
N VAL B 277 4.95 2.79 22.12
CA VAL B 277 5.21 1.45 21.62
C VAL B 277 4.66 1.29 20.20
N ALA B 298 0.71 -8.21 25.88
CA ALA B 298 1.68 -7.34 25.23
C ALA B 298 2.69 -6.83 26.25
N GLY B 299 2.23 -6.60 27.48
CA GLY B 299 3.11 -6.18 28.55
C GLY B 299 3.40 -4.69 28.51
N PHE B 300 3.60 -4.05 29.66
CA PHE B 300 3.55 -4.65 30.99
C PHE B 300 2.08 -4.86 31.44
N GLU B 301 1.87 -5.47 32.61
CA GLU B 301 0.52 -5.79 33.09
C GLU B 301 -0.14 -4.65 33.88
N GLU B 302 0.63 -3.73 34.45
CA GLU B 302 0.06 -2.62 35.20
C GLU B 302 0.35 -1.32 34.44
N ARG B 303 -0.40 -1.11 33.37
CA ARG B 303 -0.45 0.21 32.76
C ARG B 303 -1.01 1.22 33.76
N VAL B 304 -1.72 0.73 34.79
CA VAL B 304 -2.68 1.51 35.56
C VAL B 304 -2.08 2.31 36.70
N LYS B 305 -0.77 2.19 36.97
CA LYS B 305 -0.17 3.16 37.89
C LYS B 305 0.00 4.47 37.13
N GLU B 306 -0.81 5.47 37.50
CA GLU B 306 -1.13 6.60 36.64
C GLU B 306 -0.40 7.88 37.08
N LYS B 307 0.91 7.88 36.89
CA LYS B 307 1.68 9.13 36.80
C LYS B 307 2.31 9.30 35.43
N GLY B 308 2.31 8.26 34.60
CA GLY B 308 2.85 8.35 33.26
C GLY B 308 1.93 7.66 32.27
N LEU B 309 1.95 8.14 31.03
CA LEU B 309 1.07 7.68 29.96
C LEU B 309 1.80 6.78 28.99
N VAL B 310 1.05 5.88 28.34
CA VAL B 310 1.58 4.86 27.44
C VAL B 310 0.81 4.90 26.13
N ILE B 311 1.50 5.18 25.03
CA ILE B 311 0.86 5.34 23.73
C ILE B 311 1.32 4.24 22.79
N ARG B 312 0.38 3.40 22.34
CA ARG B 312 0.70 2.31 21.43
C ARG B 312 0.83 2.80 19.99
N GLY B 313 1.86 2.34 19.30
CA GLY B 313 1.99 2.74 17.92
C GLY B 313 2.58 4.13 17.73
N TRP B 314 1.98 4.89 16.81
CA TRP B 314 2.52 6.20 16.48
C TRP B 314 2.28 7.19 17.61
N ALA B 315 3.31 7.98 17.91
CA ALA B 315 3.31 9.03 18.90
C ALA B 315 3.88 10.30 18.29
N PRO B 316 3.30 11.47 18.59
CA PRO B 316 3.82 12.77 18.09
C PRO B 316 5.03 13.25 18.87
N GLN B 317 6.15 12.53 18.66
CA GLN B 317 7.34 12.72 19.49
C GLN B 317 7.99 14.08 19.27
N THR B 318 8.09 14.53 18.01
CA THR B 318 8.63 15.87 17.79
C THR B 318 7.96 16.89 18.70
N MET B 319 6.62 16.89 18.75
CA MET B 319 5.91 17.81 19.62
C MET B 319 6.15 17.49 21.09
N ILE B 320 6.35 16.22 21.43
CA ILE B 320 6.59 15.84 22.81
C ILE B 320 7.88 16.48 23.31
N LEU B 321 8.95 16.34 22.54
CA LEU B 321 10.28 16.66 23.02
C LEU B 321 10.54 18.16 23.05
N GLU B 322 10.05 18.91 22.06
CA GLU B 322 10.28 20.36 22.11
C GLU B 322 9.48 21.01 23.22
N HIS B 323 8.30 20.47 23.49
CA HIS B 323 7.41 21.12 24.44
C HIS B 323 7.99 21.10 25.85
N ARG B 324 7.61 22.11 26.63
CA ARG B 324 8.31 22.48 27.84
C ARG B 324 8.36 21.37 28.90
N ALA B 325 7.35 20.50 28.93
CA ALA B 325 7.20 19.65 30.10
C ALA B 325 8.21 18.51 30.15
N VAL B 326 8.81 18.16 29.00
CA VAL B 326 9.74 17.04 28.89
C VAL B 326 11.16 17.54 29.07
N GLY B 327 11.94 16.77 29.84
CA GLY B 327 13.31 17.15 30.11
C GLY B 327 14.31 16.03 29.93
N SER B 328 13.84 14.83 29.59
CA SER B 328 14.69 13.65 29.49
C SER B 328 14.18 12.76 28.39
N TYR B 329 15.11 12.18 27.62
CA TYR B 329 14.79 11.27 26.53
C TYR B 329 15.57 9.99 26.76
N LEU B 330 14.86 8.88 26.91
CA LEU B 330 15.50 7.57 26.98
C LEU B 330 15.46 6.98 25.58
N THR B 331 16.60 6.99 24.90
CA THR B 331 16.63 6.67 23.48
C THR B 331 17.75 5.68 23.20
N HIS B 332 17.50 4.83 22.20
CA HIS B 332 18.52 3.98 21.64
C HIS B 332 19.71 4.80 21.11
N LEU B 333 19.59 6.11 21.11
CA LEU B 333 20.62 7.07 20.69
C LEU B 333 20.84 7.02 19.18
N GLY B 334 19.77 6.83 18.43
CA GLY B 334 19.83 7.10 17.00
C GLY B 334 20.21 8.54 16.72
N TRP B 335 20.84 8.77 15.57
CA TRP B 335 21.24 10.14 15.26
C TRP B 335 20.03 11.05 15.03
N GLY B 336 18.97 10.53 14.43
CA GLY B 336 17.78 11.33 14.28
C GLY B 336 17.22 11.74 15.63
N SER B 337 17.31 10.83 16.61
CA SER B 337 16.85 11.11 17.96
C SER B 337 17.82 12.04 18.68
N VAL B 338 19.10 11.93 18.35
CA VAL B 338 20.09 12.82 18.95
C VAL B 338 19.73 14.28 18.66
N LEU B 339 19.43 14.59 17.40
CA LEU B 339 19.09 15.96 17.02
C LEU B 339 17.67 16.35 17.40
N GLU B 340 16.73 15.41 17.39
CA GLU B 340 15.42 15.66 17.97
C GLU B 340 15.55 16.05 19.44
N GLY B 341 16.23 15.21 20.21
CA GLY B 341 16.46 15.54 21.59
C GLY B 341 17.27 16.80 21.75
N MET B 342 18.28 17.01 20.89
CA MET B 342 19.10 18.19 21.03
C MET B 342 18.31 19.46 20.79
N VAL B 343 17.67 19.55 19.62
CA VAL B 343 16.86 20.71 19.31
C VAL B 343 15.75 20.91 20.35
N GLY B 344 15.10 19.83 20.76
CA GLY B 344 14.06 19.91 21.78
C GLY B 344 14.57 20.24 23.17
N GLY B 345 15.89 20.32 23.35
CA GLY B 345 16.50 20.65 24.62
C GLY B 345 16.12 19.71 25.74
N VAL B 346 16.54 18.45 25.66
CA VAL B 346 16.23 17.44 26.67
C VAL B 346 17.50 16.71 27.07
N MET B 347 17.52 16.25 28.32
CA MET B 347 18.59 15.39 28.78
C MET B 347 18.53 14.09 28.00
N LEU B 348 19.66 13.69 27.42
CA LEU B 348 19.74 12.51 26.57
C LEU B 348 20.33 11.34 27.35
N LEU B 349 19.54 10.29 27.54
CA LEU B 349 19.97 9.10 28.27
C LEU B 349 20.18 7.98 27.26
N ALA B 350 21.44 7.64 27.00
CA ALA B 350 21.76 6.73 25.90
C ALA B 350 21.46 5.29 26.25
N TRP B 351 20.86 4.56 25.32
CA TRP B 351 20.77 3.10 25.40
C TRP B 351 21.04 2.50 24.03
N PRO B 352 22.28 2.51 23.59
CA PRO B 352 22.57 2.15 22.21
C PRO B 352 22.28 0.68 22.01
N MET B 353 21.80 0.34 20.84
CA MET B 353 21.49 -1.07 20.59
C MET B 353 22.04 -1.62 19.28
N GLN B 354 22.03 -0.84 18.20
CA GLN B 354 22.37 -1.37 16.89
C GLN B 354 22.74 -0.20 15.99
N ALA B 355 23.17 -0.50 14.77
CA ALA B 355 23.42 0.50 13.72
C ALA B 355 24.49 1.46 14.21
N ASP B 356 24.23 2.76 14.22
CA ASP B 356 25.22 3.75 14.63
C ASP B 356 25.11 4.16 16.08
N HIS B 357 24.24 3.51 16.85
CA HIS B 357 24.00 3.94 18.22
C HIS B 357 25.29 4.03 19.00
N PHE B 358 26.24 3.17 18.66
CA PHE B 358 27.50 3.13 19.40
C PHE B 358 28.44 4.21 18.91
N PHE B 359 28.46 4.45 17.61
CA PHE B 359 29.16 5.61 17.09
C PHE B 359 28.65 6.90 17.73
N ASN B 360 27.34 6.99 17.94
CA ASN B 360 26.78 8.17 18.58
C ASN B 360 27.16 8.23 20.05
N THR B 361 27.13 7.10 20.73
CA THR B 361 27.48 7.09 22.14
C THR B 361 28.93 7.52 22.37
N THR B 362 29.85 6.94 21.60
CA THR B 362 31.23 7.38 21.69
C THR B 362 31.35 8.87 21.50
N LEU B 363 30.68 9.40 20.47
CA LEU B 363 30.82 10.82 20.17
C LEU B 363 30.17 11.66 21.24
N ILE B 364 28.91 11.38 21.56
CA ILE B 364 28.09 12.30 22.33
C ILE B 364 28.34 12.16 23.82
N VAL B 365 28.41 10.91 24.30
CA VAL B 365 28.62 10.68 25.74
C VAL B 365 30.09 10.77 26.07
N ASP B 366 30.93 9.97 25.39
CA ASP B 366 32.34 9.88 25.72
C ASP B 366 33.11 11.09 25.23
N LYS B 367 33.28 11.22 23.90
CA LYS B 367 34.11 12.30 23.39
C LYS B 367 33.53 13.68 23.70
N LEU B 368 32.21 13.80 23.90
CA LEU B 368 31.61 15.12 24.09
C LEU B 368 31.02 15.37 25.46
N ARG B 369 30.78 14.32 26.26
CA ARG B 369 30.13 14.43 27.58
C ARG B 369 28.92 15.37 27.53
N ALA B 370 28.00 15.02 26.62
CA ALA B 370 26.75 15.74 26.39
C ALA B 370 25.53 14.85 26.54
N ALA B 371 25.71 13.60 26.94
CA ALA B 371 24.61 12.71 27.27
C ALA B 371 25.10 11.85 28.43
N VAL B 372 24.35 10.81 28.76
CA VAL B 372 24.76 9.89 29.81
C VAL B 372 24.22 8.51 29.46
N ARG B 373 25.06 7.50 29.58
CA ARG B 373 24.75 6.17 29.08
C ARG B 373 24.11 5.34 30.19
N VAL B 374 22.87 4.89 29.97
CA VAL B 374 22.13 4.17 31.00
C VAL B 374 21.93 2.69 30.67
N GLY B 375 22.07 2.29 29.42
CA GLY B 375 22.16 0.88 29.07
C GLY B 375 23.44 0.67 28.29
N GLU B 376 24.08 -0.48 28.50
CA GLU B 376 25.31 -0.76 27.78
C GLU B 376 24.99 -1.30 26.39
N ASN B 377 24.17 -2.34 26.33
CA ASN B 377 24.16 -3.29 25.23
C ASN B 377 22.76 -3.48 24.66
N ARG B 378 22.73 -3.95 23.42
CA ARG B 378 21.47 -4.22 22.75
C ARG B 378 20.55 -5.07 23.61
N ASP B 379 21.13 -5.93 24.47
CA ASP B 379 20.41 -6.82 25.38
C ASP B 379 20.89 -6.67 26.82
N SER B 380 20.93 -5.44 27.32
CA SER B 380 21.23 -5.22 28.73
C SER B 380 20.01 -5.47 29.62
N VAL B 381 20.30 -5.61 30.91
CA VAL B 381 19.28 -5.38 31.93
C VAL B 381 19.94 -4.35 32.85
N PRO B 382 19.20 -3.35 33.33
CA PRO B 382 19.83 -2.09 33.74
C PRO B 382 20.60 -2.07 35.08
N ASP B 383 20.15 -2.70 36.19
CA ASP B 383 18.81 -3.18 36.55
C ASP B 383 17.87 -2.05 36.94
N SER B 384 16.65 -2.43 37.31
CA SER B 384 15.58 -1.47 37.52
C SER B 384 15.97 -0.38 38.52
N ASP B 385 16.62 -0.75 39.62
CA ASP B 385 16.73 0.19 40.74
C ASP B 385 17.78 1.26 40.51
N LYS B 386 18.96 0.92 40.00
CA LYS B 386 19.89 2.01 39.73
C LYS B 386 19.51 2.76 38.48
N LEU B 387 18.87 2.10 37.52
CA LEU B 387 18.27 2.85 36.44
C LEU B 387 17.17 3.77 36.98
N ALA B 388 16.31 3.24 37.86
CA ALA B 388 15.31 4.08 38.50
C ALA B 388 15.93 5.25 39.25
N ARG B 389 17.11 5.04 39.86
CA ARG B 389 17.75 6.14 40.57
C ARG B 389 18.19 7.23 39.61
N ILE B 390 18.79 6.87 38.48
CA ILE B 390 19.28 7.88 37.56
C ILE B 390 18.17 8.45 36.69
N LEU B 391 17.00 7.80 36.64
CA LEU B 391 15.84 8.44 36.02
C LEU B 391 15.39 9.67 36.81
N ALA B 392 15.28 9.55 38.13
CA ALA B 392 14.86 10.68 38.95
C ALA B 392 15.92 11.78 38.99
N GLU B 393 17.21 11.43 38.96
CA GLU B 393 18.27 12.44 38.92
C GLU B 393 18.21 13.31 37.66
N SER B 394 17.54 12.85 36.60
CA SER B 394 17.30 13.66 35.42
C SER B 394 15.88 14.21 35.30
N ALA B 395 15.02 14.00 36.31
CA ALA B 395 13.82 14.81 36.46
C ALA B 395 14.10 16.03 37.33
N ARG B 396 15.39 16.29 37.56
CA ARG B 396 15.97 17.44 38.26
C ARG B 396 17.24 17.74 37.46
N GLU B 397 17.13 18.64 36.48
CA GLU B 397 18.02 18.63 35.32
C GLU B 397 19.25 19.49 35.51
N ASP B 398 19.73 19.64 36.74
CA ASP B 398 20.95 20.38 36.99
C ASP B 398 22.15 19.54 36.54
N LEU B 399 21.92 18.64 35.58
CA LEU B 399 22.97 17.77 35.04
C LEU B 399 23.80 18.53 34.01
N PRO B 400 25.12 18.64 34.18
CA PRO B 400 25.92 19.41 33.23
C PRO B 400 25.97 18.76 31.87
N GLU B 401 25.55 17.50 31.75
CA GLU B 401 25.37 16.89 30.44
C GLU B 401 24.29 17.62 29.67
N ARG B 402 23.16 17.87 30.33
CA ARG B 402 22.11 18.66 29.72
C ARG B 402 22.57 20.08 29.40
N VAL B 403 23.42 20.64 30.27
CA VAL B 403 23.96 21.97 30.04
C VAL B 403 25.01 21.96 28.94
N THR B 404 25.79 20.87 28.84
CA THR B 404 26.71 20.75 27.71
C THR B 404 25.95 20.62 26.41
N LEU B 405 24.88 19.82 26.40
CA LEU B 405 24.08 19.67 25.19
C LEU B 405 23.45 20.98 24.76
N MET B 406 23.04 21.82 25.71
CA MET B 406 22.42 23.09 25.35
C MET B 406 23.36 23.95 24.54
N LYS B 407 24.61 24.05 24.98
CA LYS B 407 25.58 24.82 24.22
C LYS B 407 25.75 24.22 22.84
N LEU B 408 25.70 22.91 22.75
CA LEU B 408 25.65 22.28 21.44
C LEU B 408 24.40 22.70 20.67
N ARG B 409 23.26 22.81 21.36
CA ARG B 409 22.03 23.21 20.70
C ARG B 409 22.08 24.66 20.23
N GLU B 410 22.70 25.53 21.02
CA GLU B 410 22.91 26.91 20.58
C GLU B 410 23.65 26.94 19.24
N LYS B 411 24.69 26.09 19.11
CA LYS B 411 25.49 26.09 17.88
C LYS B 411 24.76 25.44 16.71
N ALA B 412 23.90 24.45 16.97
CA ALA B 412 23.06 23.86 15.93
C ALA B 412 22.08 24.87 15.38
N MET B 413 21.52 25.71 16.27
CA MET B 413 20.63 26.76 15.82
C MET B 413 21.35 27.77 14.95
N GLU B 414 22.52 28.23 15.40
CA GLU B 414 23.33 29.09 14.56
C GLU B 414 23.58 28.45 13.21
N ALA B 415 23.69 27.11 13.18
CA ALA B 415 24.05 26.40 11.96
C ALA B 415 22.98 26.54 10.89
N ILE B 416 21.70 26.49 11.28
CA ILE B 416 20.60 26.40 10.31
C ILE B 416 20.01 27.77 9.99
N LYS B 417 19.94 28.67 10.97
CA LYS B 417 19.42 30.00 10.66
C LYS B 417 20.43 30.76 9.81
N GLU B 418 19.97 31.82 9.16
CA GLU B 418 20.73 32.40 8.05
C GLU B 418 22.15 32.77 8.44
N GLY B 419 23.04 32.67 7.46
CA GLY B 419 24.45 32.84 7.66
C GLY B 419 25.15 31.62 8.22
N GLY B 420 24.42 30.60 8.61
CA GLY B 420 25.03 29.44 9.23
C GLY B 420 25.61 28.48 8.22
N SER B 421 26.46 27.58 8.72
CA SER B 421 27.16 26.67 7.83
C SER B 421 26.15 25.85 7.04
N SER B 422 25.17 25.27 7.73
CA SER B 422 24.21 24.42 7.06
C SER B 422 23.36 25.21 6.06
N TYR B 423 22.83 26.36 6.48
CA TYR B 423 22.07 27.18 5.56
C TYR B 423 22.91 27.45 4.32
N LYS B 424 24.10 28.04 4.50
CA LYS B 424 24.95 28.31 3.34
C LYS B 424 25.20 27.02 2.55
N ASN B 425 25.20 25.87 3.22
CA ASN B 425 25.37 24.62 2.51
C ASN B 425 24.10 24.23 1.74
N LEU B 426 22.93 24.52 2.29
CA LEU B 426 21.70 24.28 1.56
C LEU B 426 21.66 25.13 0.30
N ASP B 427 22.12 26.38 0.38
CA ASP B 427 22.22 27.23 -0.80
C ASP B 427 23.21 26.66 -1.78
N GLU B 428 24.41 26.36 -1.32
CA GLU B 428 25.49 25.92 -2.20
C GLU B 428 25.15 24.60 -2.89
N LEU B 429 24.36 23.76 -2.25
CA LEU B 429 24.00 22.49 -2.85
C LEU B 429 23.04 22.70 -4.00
N VAL B 430 21.95 23.45 -3.78
CA VAL B 430 21.03 23.78 -4.87
C VAL B 430 21.76 24.52 -5.98
N ALA B 431 22.62 25.46 -5.60
CA ALA B 431 23.43 26.14 -6.58
C ALA B 431 24.21 25.17 -7.46
N GLU B 432 24.83 24.16 -6.83
CA GLU B 432 25.73 23.26 -7.55
C GLU B 432 24.99 22.26 -8.45
N MET B 433 23.74 21.92 -8.16
CA MET B 433 23.02 20.95 -8.99
C MET B 433 22.78 21.47 -10.41
N CYS B 434 22.79 22.78 -10.61
CA CYS B 434 22.52 23.33 -11.93
C CYS B 434 23.66 23.03 -12.89
N LEU B 435 24.88 23.08 -12.41
CA LEU B 435 26.12 22.87 -13.18
C LEU B 435 26.11 21.66 -14.12
C1 QUE C . -22.11 -3.38 -9.29
C2 QUE C . -23.48 -3.09 -9.41
C3 QUE C . -24.14 -2.29 -8.46
C4 QUE C . -23.42 -1.82 -7.42
C5 QUE C . -22.02 -2.10 -7.28
C6 QUE C . -21.36 -2.90 -8.21
C9 QUE C . -25.57 -1.95 -8.58
C10 QUE C . -26.16 -1.12 -7.58
C11 QUE C . -25.32 -0.64 -6.56
C14 QUE C . -25.76 0.12 -5.34
C15 QUE C . -26.79 -0.50 -4.62
C16 QUE C . -27.25 0.01 -3.41
C17 QUE C . -26.63 1.16 -2.89
C18 QUE C . -25.54 1.74 -3.60
C19 QUE C . -25.08 1.22 -4.82
O12 QUE C . -24.04 -1.03 -6.51
O13 QUE C . -26.36 -2.40 -9.64
O23 QUE C . -24.88 2.88 -3.11
O24 QUE C . -27.11 1.70 -1.64
O27 QUE C . -27.52 -0.80 -7.64
O29 QUE C . -19.97 -3.21 -8.06
O30 QUE C . -24.23 -3.57 -10.48
C1 QUE D . 22.53 3.20 9.31
C2 QUE D . 23.75 2.68 9.76
C3 QUE D . 23.93 1.29 9.93
C4 QUE D . 22.88 0.46 9.65
C5 QUE D . 21.63 1.00 9.20
C6 QUE D . 21.47 2.36 9.03
C9 QUE D . 25.20 0.71 10.39
C10 QUE D . 25.27 -0.71 10.53
C11 QUE D . 24.16 -1.48 10.18
C14 QUE D . 23.98 -2.95 10.37
C15 QUE D . 24.19 -3.40 11.70
C16 QUE D . 23.99 -4.73 12.08
C17 QUE D . 23.51 -5.61 11.10
C18 QUE D . 23.24 -5.15 9.79
C19 QUE D . 23.45 -3.82 9.42
O12 QUE D . 23.04 -0.88 9.80
O13 QUE D . 26.31 1.52 10.68
O23 QUE D . 22.75 -6.04 8.82
O24 QUE D . 23.29 -6.97 11.45
O27 QUE D . 26.45 -1.31 10.98
O29 QUE D . 20.24 2.86 8.58
O30 QUE D . 24.84 3.51 10.04
#